data_3G45
#
_entry.id   3G45
#
_cell.length_a   95.004
_cell.length_b   95.004
_cell.length_c   93.714
_cell.angle_alpha   90.00
_cell.angle_beta   90.00
_cell.angle_gamma   120.00
#
_symmetry.space_group_name_H-M   'P 31'
#
loop_
_entity.id
_entity.type
_entity.pdbx_description
1 polymer "cAMP-specific 3',5'-cyclic phosphodiesterase 4B"
2 non-polymer 'ZINC ION'
3 non-polymer 'MAGNESIUM ION'
4 non-polymer 8-(3-nitrophenyl)-6-(pyridin-4-ylmethyl)quinoline
5 water water
#
_entity_poly.entity_id   1
_entity_poly.type   'polypeptide(L)'
_entity_poly.pdbx_seq_one_letter_code
;MSVSEMASNKFKRMLNRELTHLSEMSRSGNQVSEYISNTFLDKQNDVEIPKVTAEEAPQPMTQISGVKKLMHSSSLNNTS
ISRFGVNTENEDHLAKELEDLNKWGLNIFNVAGYSHNRPLTCIMYAIFQERDLLKTFRISSDTFITYMMTLEDHYHSDVA
YHNSLHAADVAQSTHVLLSTPALDAVFTDLEILAAIFAAAIHDVDHPGVSNQFLINTNSELALMYNDESVLENHHLAVGF
KLLQEEHCDIFMNLTKKQRQTLRKMVIDMVLATDMSKHMSLLADLKTMVETKKVTSSGVLLLDNYTDRIQVLRNMVHCAD
LSNPTKSLELYRQWTDRIMEEFFQQGDKERERGMEISPMCDKHTASVEKSQVGFIDYIVHPLWETWADLVQPDAQDILDT
LEDNRNWYQSMIPQSHHHHHH
;
_entity_poly.pdbx_strand_id   A,B
#
loop_
_chem_comp.id
_chem_comp.type
_chem_comp.name
_chem_comp.formula
988 non-polymer 8-(3-nitrophenyl)-6-(pyridin-4-ylmethyl)quinoline 'C21 H15 N3 O2'
MG non-polymer 'MAGNESIUM ION' 'Mg 2'
ZN non-polymer 'ZINC ION' 'Zn 2'
#
# COMPACT_ATOMS: atom_id res chain seq x y z
N SER A 8 -28.11 -2.03 30.61
CA SER A 8 -29.46 -1.72 30.06
C SER A 8 -29.87 -2.82 29.07
N ASN A 9 -30.91 -3.58 29.40
CA ASN A 9 -31.43 -4.59 28.47
C ASN A 9 -32.09 -3.98 27.22
N LYS A 10 -32.62 -2.76 27.36
CA LYS A 10 -33.27 -2.04 26.25
C LYS A 10 -32.28 -1.73 25.09
N PHE A 11 -31.21 -1.02 25.41
CA PHE A 11 -30.13 -0.81 24.45
C PHE A 11 -29.60 -2.14 23.83
N LYS A 12 -29.38 -3.16 24.67
CA LYS A 12 -28.89 -4.43 24.16
C LYS A 12 -29.93 -5.06 23.21
N ARG A 13 -31.20 -5.06 23.62
CA ARG A 13 -32.30 -5.61 22.78
C ARG A 13 -32.37 -4.85 21.44
N MET A 14 -32.17 -3.54 21.53
CA MET A 14 -32.23 -2.63 20.38
C MET A 14 -31.07 -2.78 19.40
N LEU A 15 -29.87 -2.98 19.95
CA LEU A 15 -28.65 -3.26 19.21
C LEU A 15 -28.78 -4.51 18.32
N ASN A 16 -29.20 -5.61 18.93
CA ASN A 16 -29.22 -6.86 18.18
C ASN A 16 -30.37 -6.89 17.16
N ARG A 17 -31.41 -6.10 17.44
CA ARG A 17 -32.48 -5.86 16.46
C ARG A 17 -31.99 -5.11 15.22
N GLU A 18 -31.23 -4.06 15.49
CA GLU A 18 -30.70 -3.23 14.45
C GLU A 18 -29.77 -4.06 13.55
N LEU A 19 -28.99 -4.96 14.16
CA LEU A 19 -28.06 -5.82 13.41
C LEU A 19 -28.69 -7.05 12.75
N THR A 20 -29.79 -7.55 13.29
CA THR A 20 -30.54 -8.64 12.63
C THR A 20 -31.17 -8.14 11.33
N HIS A 21 -31.78 -6.97 11.40
CA HIS A 21 -32.40 -6.38 10.24
C HIS A 21 -31.37 -6.17 9.13
N LEU A 22 -30.20 -5.64 9.48
CA LEU A 22 -29.12 -5.40 8.52
C LEU A 22 -28.62 -6.71 7.91
N SER A 23 -28.58 -7.73 8.74
CA SER A 23 -28.12 -9.04 8.37
C SER A 23 -29.05 -9.73 7.36
N GLU A 24 -30.29 -9.23 7.26
CA GLU A 24 -31.30 -9.77 6.36
C GLU A 24 -31.58 -8.90 5.13
N MET A 25 -31.11 -7.66 5.14
CA MET A 25 -31.30 -6.77 4.00
C MET A 25 -30.74 -7.37 2.69
N SER A 26 -29.53 -7.91 2.77
CA SER A 26 -28.86 -8.47 1.59
C SER A 26 -27.62 -9.17 2.05
N ARG A 27 -26.93 -9.86 1.14
CA ARG A 27 -25.71 -10.58 1.50
C ARG A 27 -24.60 -9.57 1.88
N SER A 28 -24.63 -8.41 1.26
CA SER A 28 -23.82 -7.27 1.67
C SER A 28 -24.03 -6.94 3.15
N GLY A 29 -25.30 -6.84 3.54
CA GLY A 29 -25.64 -6.49 4.91
C GLY A 29 -25.32 -7.58 5.90
N ASN A 30 -25.44 -8.82 5.45
CA ASN A 30 -25.04 -9.95 6.27
C ASN A 30 -23.55 -9.95 6.57
N GLN A 31 -22.73 -9.65 5.56
CA GLN A 31 -21.27 -9.61 5.75
C GLN A 31 -20.87 -8.42 6.63
N VAL A 32 -21.52 -7.28 6.43
CA VAL A 32 -21.26 -6.12 7.31
C VAL A 32 -21.76 -6.38 8.72
N SER A 33 -22.95 -6.97 8.82
CA SER A 33 -23.51 -7.29 10.12
C SER A 33 -22.68 -8.35 10.88
N GLU A 34 -22.15 -9.36 10.18
CA GLU A 34 -21.27 -10.32 10.82
C GLU A 34 -19.98 -9.62 11.27
N TYR A 35 -19.47 -8.68 10.47
CA TYR A 35 -18.24 -7.97 10.85
C TYR A 35 -18.46 -7.15 12.14
N ILE A 36 -19.59 -6.45 12.26
CA ILE A 36 -19.84 -5.57 13.41
C ILE A 36 -19.91 -6.32 14.74
N SER A 37 -20.60 -7.45 14.73
CA SER A 37 -20.77 -8.31 15.88
C SER A 37 -19.47 -8.90 16.33
N ASN A 38 -18.65 -9.31 15.38
CA ASN A 38 -17.39 -9.89 15.76
C ASN A 38 -16.30 -8.87 16.04
N THR A 39 -16.59 -7.58 15.93
CA THR A 39 -15.55 -6.57 16.06
C THR A 39 -15.83 -5.53 17.13
N PHE A 40 -17.06 -5.00 17.14
CA PHE A 40 -17.40 -3.81 17.94
C PHE A 40 -18.25 -4.11 19.18
N LEU A 41 -18.51 -5.39 19.41
CA LEU A 41 -19.39 -5.86 20.48
C LEU A 41 -18.60 -6.72 21.48
N ASP A 42 -18.96 -6.66 22.76
CA ASP A 42 -18.44 -7.65 23.71
C ASP A 42 -19.41 -8.84 23.81
N THR A 79 19.46 23.69 11.37
CA THR A 79 18.49 24.02 12.43
C THR A 79 17.33 23.00 12.58
N SER A 80 17.25 22.01 11.67
CA SER A 80 16.01 21.20 11.51
C SER A 80 15.76 20.13 12.61
N ILE A 81 16.82 19.51 13.15
CA ILE A 81 16.68 18.51 14.21
C ILE A 81 16.13 19.10 15.52
N SER A 82 16.12 20.43 15.65
CA SER A 82 15.53 21.09 16.82
C SER A 82 14.31 21.97 16.45
N ARG A 83 14.23 22.37 15.18
CA ARG A 83 13.05 23.05 14.67
C ARG A 83 11.87 22.09 14.63
N PHE A 84 12.10 20.94 14.01
CA PHE A 84 11.20 19.79 14.04
C PHE A 84 11.94 18.72 14.83
N GLY A 85 11.36 17.55 15.00
CA GLY A 85 12.08 16.51 15.74
C GLY A 85 13.07 15.70 14.91
N VAL A 86 13.24 16.09 13.65
CA VAL A 86 13.66 15.18 12.61
C VAL A 86 14.64 15.89 11.66
N ASN A 87 15.54 15.12 11.05
CA ASN A 87 16.43 15.62 9.99
C ASN A 87 15.72 15.69 8.66
N THR A 88 15.78 16.82 7.99
CA THR A 88 15.18 16.97 6.67
C THR A 88 15.85 18.12 5.95
N GLU A 89 15.97 18.01 4.63
CA GLU A 89 16.43 19.09 3.76
C GLU A 89 15.23 19.64 2.97
N ASN A 90 14.05 19.46 3.56
CA ASN A 90 12.80 19.92 3.01
C ASN A 90 12.13 20.80 4.04
N GLU A 91 12.92 21.59 4.77
CA GLU A 91 12.42 22.32 5.93
C GLU A 91 11.21 23.21 5.60
N ASP A 92 11.14 23.69 4.36
CA ASP A 92 10.06 24.58 3.95
C ASP A 92 8.77 23.88 3.63
N HIS A 93 8.85 22.76 2.92
CA HIS A 93 7.65 21.97 2.70
C HIS A 93 7.10 21.41 3.99
N LEU A 94 7.97 20.98 4.88
CA LEU A 94 7.54 20.47 6.17
C LEU A 94 6.91 21.57 7.02
N ALA A 95 7.48 22.78 6.99
CA ALA A 95 6.94 23.89 7.76
C ALA A 95 5.54 24.27 7.27
N LYS A 96 5.28 24.13 5.97
CA LYS A 96 3.93 24.43 5.42
C LYS A 96 2.88 23.43 5.89
N GLU A 97 3.23 22.15 5.82
CA GLU A 97 2.33 21.09 6.28
C GLU A 97 2.02 21.28 7.76
N LEU A 98 3.02 21.60 8.57
CA LEU A 98 2.86 21.72 10.02
C LEU A 98 2.12 22.99 10.48
N GLU A 99 1.80 23.88 9.54
CA GLU A 99 0.85 24.95 9.81
C GLU A 99 -0.58 24.42 10.03
N ASP A 100 -0.81 23.17 9.64
CA ASP A 100 -2.09 22.51 9.87
C ASP A 100 -2.12 21.77 11.21
N LEU A 101 -1.07 21.90 12.02
CA LEU A 101 -1.00 21.17 13.30
C LEU A 101 -2.32 21.19 14.07
N ASN A 102 -2.98 22.36 14.14
CA ASN A 102 -4.25 22.50 14.87
C ASN A 102 -5.52 22.30 14.03
N LYS A 103 -5.39 21.94 12.75
CA LYS A 103 -6.54 21.70 11.90
C LYS A 103 -6.84 20.21 11.68
N TRP A 104 -8.13 19.92 11.65
CA TRP A 104 -8.63 18.61 11.37
C TRP A 104 -8.24 18.15 9.98
N GLY A 105 -7.80 19.05 9.13
CA GLY A 105 -7.41 18.68 7.76
C GLY A 105 -5.94 18.42 7.53
N LEU A 106 -5.11 18.46 8.57
CA LEU A 106 -3.69 18.19 8.38
C LEU A 106 -3.50 16.93 7.59
N ASN A 107 -2.64 16.99 6.57
CA ASN A 107 -2.35 15.81 5.75
C ASN A 107 -1.12 15.11 6.31
N ILE A 108 -1.35 13.96 6.95
CA ILE A 108 -0.30 13.28 7.70
C ILE A 108 0.60 12.50 6.74
N PHE A 109 0.07 12.24 5.55
CA PHE A 109 0.84 11.55 4.49
C PHE A 109 1.92 12.45 3.94
N ASN A 110 1.60 13.73 3.73
CA ASN A 110 2.61 14.68 3.28
C ASN A 110 3.67 14.91 4.38
N VAL A 111 3.25 14.96 5.64
CA VAL A 111 4.24 15.05 6.72
C VAL A 111 5.25 13.90 6.64
N ALA A 112 4.78 12.68 6.41
CA ALA A 112 5.63 11.49 6.24
C ALA A 112 6.65 11.71 5.10
N GLY A 113 6.14 12.19 3.97
CA GLY A 113 6.97 12.55 2.83
C GLY A 113 8.09 13.53 3.12
N TYR A 114 7.80 14.61 3.83
CA TYR A 114 8.80 15.64 4.09
C TYR A 114 9.62 15.44 5.37
N SER A 115 9.37 14.34 6.07
CA SER A 115 10.04 14.07 7.35
C SER A 115 10.88 12.82 7.27
N HIS A 116 11.21 12.41 6.05
CA HIS A 116 11.95 11.18 5.84
C HIS A 116 11.28 10.01 6.55
N ASN A 117 9.96 9.96 6.38
CA ASN A 117 9.11 8.91 6.95
C ASN A 117 9.21 8.76 8.45
N ARG A 118 9.22 9.88 9.17
CA ARG A 118 9.08 9.90 10.61
C ARG A 118 7.90 10.77 11.01
N PRO A 119 6.69 10.45 10.53
CA PRO A 119 5.53 11.27 10.83
C PRO A 119 5.20 11.34 12.32
N LEU A 120 5.55 10.31 13.08
CA LEU A 120 5.20 10.25 14.49
C LEU A 120 6.12 11.14 15.30
N THR A 121 7.42 10.94 15.13
CA THR A 121 8.39 11.75 15.85
C THR A 121 8.11 13.21 15.55
N CYS A 122 7.88 13.49 14.27
CA CYS A 122 7.71 14.85 13.82
C CYS A 122 6.46 15.46 14.46
N ILE A 123 5.32 14.77 14.34
CA ILE A 123 4.06 15.31 14.82
C ILE A 123 4.07 15.46 16.34
N MET A 124 4.66 14.50 17.02
CA MET A 124 4.68 14.51 18.48
C MET A 124 5.55 15.62 18.99
N TYR A 125 6.63 15.90 18.27
CA TYR A 125 7.52 17.00 18.61
C TYR A 125 6.76 18.30 18.44
N ALA A 126 6.09 18.45 17.31
CA ALA A 126 5.24 19.61 17.05
C ALA A 126 4.17 19.82 18.14
N ILE A 127 3.48 18.76 18.56
CA ILE A 127 2.40 18.90 19.55
C ILE A 127 2.98 19.33 20.90
N PHE A 128 4.12 18.74 21.25
CA PHE A 128 4.76 19.05 22.52
C PHE A 128 5.35 20.45 22.56
N GLN A 129 5.87 20.91 21.43
CA GLN A 129 6.31 22.30 21.33
C GLN A 129 5.08 23.22 21.42
N GLU A 130 4.11 22.98 20.56
CA GLU A 130 2.88 23.75 20.54
C GLU A 130 2.25 23.95 21.91
N ARG A 131 2.11 22.87 22.68
CA ARG A 131 1.43 22.94 23.96
C ARG A 131 2.37 23.21 25.10
N ASP A 132 3.67 23.32 24.81
CA ASP A 132 4.68 23.70 25.79
C ASP A 132 4.90 22.62 26.84
N LEU A 133 4.81 21.37 26.39
CA LEU A 133 4.80 20.23 27.30
C LEU A 133 6.19 19.84 27.77
N LEU A 134 7.19 20.03 26.90
CA LEU A 134 8.58 19.73 27.26
C LEU A 134 9.05 20.58 28.42
N LYS A 135 8.79 21.88 28.31
CA LYS A 135 9.11 22.79 29.41
C LYS A 135 8.32 22.45 30.67
N THR A 136 7.00 22.32 30.58
CA THR A 136 6.18 22.05 31.77
C THR A 136 6.64 20.79 32.54
N PHE A 137 7.00 19.73 31.83
CA PHE A 137 7.38 18.48 32.49
C PHE A 137 8.88 18.23 32.51
N ARG A 138 9.66 19.27 32.20
CA ARG A 138 11.11 19.19 32.22
C ARG A 138 11.62 17.95 31.49
N ILE A 139 11.25 17.87 30.21
CA ILE A 139 11.67 16.79 29.34
C ILE A 139 12.68 17.38 28.35
N SER A 140 13.89 16.83 28.28
CA SER A 140 14.86 17.35 27.30
C SER A 140 14.45 16.92 25.89
N SER A 141 14.71 17.77 24.91
CA SER A 141 14.43 17.44 23.52
C SER A 141 15.12 16.12 23.09
N ASP A 142 16.29 15.91 23.69
CA ASP A 142 17.08 14.75 23.46
C ASP A 142 16.34 13.48 23.89
N THR A 143 15.84 13.48 25.12
CA THR A 143 15.18 12.31 25.69
C THR A 143 13.92 12.07 24.88
N PHE A 144 13.24 13.16 24.57
CA PHE A 144 12.03 13.10 23.82
C PHE A 144 12.20 12.50 22.42
N ILE A 145 13.19 12.96 21.68
CA ILE A 145 13.40 12.48 20.32
C ILE A 145 13.88 11.03 20.33
N THR A 146 14.80 10.69 21.24
CA THR A 146 15.28 9.31 21.36
C THR A 146 14.12 8.36 21.65
N TYR A 147 13.23 8.74 22.58
CA TYR A 147 12.06 7.92 22.84
C TYR A 147 11.14 7.87 21.63
N MET A 148 10.88 9.01 21.01
CA MET A 148 9.96 9.02 19.89
C MET A 148 10.48 8.26 18.66
N MET A 149 11.78 8.15 18.52
CA MET A 149 12.34 7.38 17.42
C MET A 149 12.30 5.89 17.67
N THR A 150 12.50 5.51 18.93
CA THR A 150 12.42 4.14 19.37
C THR A 150 10.97 3.60 19.27
N LEU A 151 10.01 4.43 19.66
CA LEU A 151 8.62 4.11 19.51
C LEU A 151 8.22 3.94 18.03
N GLU A 152 8.54 4.92 17.20
CA GLU A 152 8.27 4.83 15.78
C GLU A 152 8.85 3.52 15.22
N ASP A 153 10.08 3.22 15.62
CA ASP A 153 10.77 2.04 15.16
C ASP A 153 10.07 0.73 15.51
N HIS A 154 9.33 0.70 16.61
CA HIS A 154 8.58 -0.48 17.01
C HIS A 154 7.15 -0.60 16.40
N TYR A 155 6.72 0.41 15.66
CA TYR A 155 5.61 0.24 14.71
C TYR A 155 6.18 -0.43 13.48
N HIS A 156 5.43 -1.34 12.85
CA HIS A 156 5.92 -2.04 11.64
C HIS A 156 5.46 -1.38 10.35
N SER A 157 6.40 -1.10 9.43
CA SER A 157 6.05 -0.41 8.18
C SER A 157 5.50 -1.35 7.12
N ASP A 158 5.70 -2.65 7.35
CA ASP A 158 5.13 -3.72 6.50
C ASP A 158 3.65 -4.02 6.79
N VAL A 159 3.06 -3.33 7.77
CA VAL A 159 1.65 -3.47 8.10
C VAL A 159 0.95 -2.28 7.44
N ALA A 160 -0.05 -2.55 6.62
CA ALA A 160 -0.60 -1.53 5.73
C ALA A 160 -1.27 -0.35 6.49
N TYR A 161 -1.84 -0.59 7.66
CA TYR A 161 -2.61 0.42 8.38
C TYR A 161 -2.07 0.71 9.79
N HIS A 162 -1.90 -0.33 10.59
CA HIS A 162 -1.53 -0.14 12.01
C HIS A 162 -0.02 0.08 12.15
N ASN A 163 0.44 1.16 11.54
CA ASN A 163 1.85 1.56 11.59
C ASN A 163 1.95 3.01 12.04
N SER A 164 3.17 3.54 12.15
CA SER A 164 3.37 4.87 12.79
C SER A 164 2.53 6.01 12.21
N LEU A 165 2.15 5.91 10.94
CA LEU A 165 1.35 6.89 10.24
C LEU A 165 -0.03 7.03 10.94
N HIS A 166 -0.67 5.88 11.14
CA HIS A 166 -1.93 5.82 11.86
C HIS A 166 -1.76 6.34 13.28
N ALA A 167 -0.64 6.03 13.93
CA ALA A 167 -0.35 6.52 15.28
C ALA A 167 -0.26 8.05 15.27
N ALA A 168 0.39 8.57 14.25
CA ALA A 168 0.62 10.00 14.10
C ALA A 168 -0.70 10.75 13.85
N ASP A 169 -1.54 10.16 13.01
CA ASP A 169 -2.88 10.68 12.73
C ASP A 169 -3.75 10.71 13.99
N VAL A 170 -3.75 9.62 14.74
CA VAL A 170 -4.59 9.51 15.94
C VAL A 170 -4.11 10.49 17.00
N ALA A 171 -2.80 10.65 17.11
CA ALA A 171 -2.20 11.63 18.05
C ALA A 171 -2.52 13.08 17.63
N GLN A 172 -2.39 13.39 16.33
CA GLN A 172 -2.73 14.74 15.87
C GLN A 172 -4.21 15.06 16.00
N SER A 173 -5.05 14.05 15.76
CA SER A 173 -6.50 14.23 15.85
C SER A 173 -6.91 14.38 17.29
N THR A 174 -6.25 13.65 18.19
CA THR A 174 -6.50 13.82 19.60
C THR A 174 -6.11 15.25 20.01
N HIS A 175 -4.99 15.74 19.47
CA HIS A 175 -4.51 17.12 19.71
C HIS A 175 -5.52 18.15 19.29
N VAL A 176 -6.21 17.94 18.19
CA VAL A 176 -7.23 18.87 17.77
C VAL A 176 -8.44 18.74 18.71
N LEU A 177 -8.89 17.51 18.94
CA LEU A 177 -10.05 17.23 19.80
C LEU A 177 -9.94 17.84 21.21
N LEU A 178 -8.73 17.78 21.79
CA LEU A 178 -8.47 18.37 23.12
C LEU A 178 -8.64 19.91 23.13
N SER A 179 -8.62 20.53 21.95
CA SER A 179 -8.96 21.96 21.82
C SER A 179 -10.43 22.27 21.51
N THR A 180 -11.29 21.27 21.45
CA THR A 180 -12.70 21.54 21.37
C THR A 180 -13.09 22.53 22.51
N PRO A 181 -13.80 23.62 22.18
CA PRO A 181 -14.11 24.66 23.17
C PRO A 181 -14.79 24.19 24.46
N ALA A 182 -15.64 23.17 24.37
CA ALA A 182 -16.36 22.69 25.55
C ALA A 182 -15.44 21.99 26.56
N LEU A 183 -14.23 21.63 26.13
CA LEU A 183 -13.25 20.91 26.98
C LEU A 183 -11.94 21.66 27.20
N ASP A 184 -11.57 22.56 26.30
CA ASP A 184 -10.24 23.22 26.34
C ASP A 184 -9.80 23.72 27.74
N ALA A 185 -10.74 24.22 28.55
CA ALA A 185 -10.39 24.73 29.87
C ALA A 185 -10.36 23.61 30.91
N VAL A 186 -10.98 22.47 30.59
CA VAL A 186 -11.22 21.40 31.57
C VAL A 186 -10.00 20.59 32.01
N PHE A 187 -9.17 20.14 31.09
CA PHE A 187 -8.12 19.18 31.44
C PHE A 187 -6.79 19.80 31.87
N THR A 188 -6.19 19.23 32.89
CA THR A 188 -4.88 19.63 33.33
C THR A 188 -3.86 19.14 32.30
N ASP A 189 -2.63 19.63 32.42
CA ASP A 189 -1.57 19.25 31.51
C ASP A 189 -1.18 17.77 31.64
N LEU A 190 -1.23 17.21 32.84
CA LEU A 190 -0.93 15.80 33.06
C LEU A 190 -1.90 14.96 32.25
N GLU A 191 -3.18 15.34 32.32
CA GLU A 191 -4.21 14.69 31.50
C GLU A 191 -3.99 14.96 30.01
N ILE A 192 -3.60 16.18 29.62
CA ILE A 192 -3.29 16.43 28.22
C ILE A 192 -2.14 15.52 27.75
N LEU A 193 -1.07 15.45 28.55
CA LEU A 193 0.11 14.59 28.27
C LEU A 193 -0.25 13.11 28.15
N ALA A 194 -1.05 12.63 29.09
CA ALA A 194 -1.51 11.24 29.09
C ALA A 194 -2.27 10.92 27.80
N ALA A 195 -3.23 11.77 27.44
CA ALA A 195 -4.04 11.55 26.25
C ALA A 195 -3.19 11.45 25.02
N ILE A 196 -2.23 12.36 24.87
CA ILE A 196 -1.49 12.45 23.61
C ILE A 196 -0.47 11.33 23.49
N PHE A 197 0.16 11.02 24.62
CA PHE A 197 1.02 9.86 24.75
C PHE A 197 0.25 8.54 24.49
N ALA A 198 -0.91 8.41 25.14
CA ALA A 198 -1.84 7.30 24.88
C ALA A 198 -2.02 7.10 23.39
N ALA A 199 -2.37 8.18 22.70
CA ALA A 199 -2.58 8.15 21.25
C ALA A 199 -1.34 7.64 20.50
N ALA A 200 -0.18 8.23 20.80
CA ALA A 200 1.10 7.83 20.22
C ALA A 200 1.34 6.33 20.28
N ILE A 201 1.13 5.74 21.46
CA ILE A 201 1.52 4.35 21.71
C ILE A 201 0.41 3.36 21.46
N HIS A 202 -0.80 3.87 21.22
CA HIS A 202 -2.01 3.05 21.26
C HIS A 202 -1.95 1.77 20.39
N ASP A 203 -1.14 1.73 19.34
CA ASP A 203 -0.96 0.51 18.53
C ASP A 203 0.50 0.06 18.36
N VAL A 204 1.41 0.48 19.22
CA VAL A 204 2.78 0.09 19.02
C VAL A 204 2.97 -1.45 18.95
N ASP A 205 3.86 -1.88 18.05
CA ASP A 205 4.14 -3.28 17.77
C ASP A 205 2.97 -4.12 17.23
N HIS A 206 2.02 -3.48 16.57
CA HIS A 206 0.87 -4.17 15.99
C HIS A 206 1.31 -5.05 14.80
N PRO A 207 0.92 -6.34 14.80
CA PRO A 207 1.33 -7.28 13.72
C PRO A 207 0.45 -7.28 12.47
N GLY A 208 -0.70 -6.61 12.53
CA GLY A 208 -1.55 -6.44 11.35
C GLY A 208 -2.62 -7.51 11.23
N VAL A 209 -2.89 -8.18 12.35
CA VAL A 209 -3.97 -9.16 12.46
C VAL A 209 -4.74 -8.88 13.75
N SER A 210 -6.02 -9.23 13.75
CA SER A 210 -6.96 -8.98 14.85
C SER A 210 -6.73 -9.85 16.09
N ASN A 211 -7.21 -9.35 17.24
CA ASN A 211 -7.30 -10.13 18.47
C ASN A 211 -7.91 -11.52 18.21
N GLN A 212 -8.92 -11.64 17.34
CA GLN A 212 -9.55 -12.94 17.15
C GLN A 212 -8.72 -13.94 16.38
N PHE A 213 -7.97 -13.48 15.37
CA PHE A 213 -6.95 -14.32 14.67
C PHE A 213 -5.87 -14.83 15.62
N LEU A 214 -5.37 -13.93 16.48
CA LEU A 214 -4.37 -14.28 17.50
C LEU A 214 -4.88 -15.32 18.51
N ILE A 215 -6.18 -15.28 18.78
CA ILE A 215 -6.79 -16.25 19.68
C ILE A 215 -7.03 -17.53 18.91
N ASN A 216 -7.49 -17.43 17.65
CA ASN A 216 -7.74 -18.62 16.82
C ASN A 216 -6.49 -19.37 16.44
N THR A 217 -5.37 -18.68 16.23
CA THR A 217 -4.13 -19.35 15.89
C THR A 217 -3.33 -19.70 17.12
N ASN A 218 -3.89 -19.52 18.33
CA ASN A 218 -3.15 -19.81 19.57
C ASN A 218 -1.80 -19.06 19.61
N SER A 219 -1.80 -17.78 19.30
CA SER A 219 -0.60 -16.99 19.45
C SER A 219 -0.08 -17.01 20.89
N GLU A 220 1.23 -16.85 21.01
CA GLU A 220 1.88 -16.62 22.29
C GLU A 220 1.30 -15.41 23.01
N LEU A 221 0.94 -14.39 22.26
CA LEU A 221 0.38 -13.16 22.82
C LEU A 221 -0.99 -13.43 23.45
N ALA A 222 -1.84 -14.15 22.73
CA ALA A 222 -3.14 -14.59 23.23
C ALA A 222 -2.97 -15.43 24.50
N LEU A 223 -1.95 -16.29 24.48
CA LEU A 223 -1.62 -17.12 25.62
C LEU A 223 -1.15 -16.25 26.79
N MET A 224 -0.30 -15.28 26.51
CA MET A 224 0.23 -14.42 27.57
C MET A 224 -0.88 -13.62 28.25
N TYR A 225 -1.82 -13.11 27.46
CA TYR A 225 -2.87 -12.23 27.97
C TYR A 225 -4.27 -12.88 28.10
N ASN A 226 -4.33 -14.20 28.01
CA ASN A 226 -5.55 -14.94 28.35
C ASN A 226 -6.80 -14.54 27.53
N ASP A 227 -6.59 -14.31 26.23
CA ASP A 227 -7.65 -13.98 25.24
C ASP A 227 -8.42 -12.65 25.43
N GLU A 228 -8.14 -11.90 26.48
CA GLU A 228 -8.90 -10.70 26.75
C GLU A 228 -8.04 -9.48 26.51
N SER A 229 -8.44 -8.68 25.53
CA SER A 229 -7.71 -7.48 25.07
C SER A 229 -6.22 -7.74 24.76
N VAL A 230 -5.96 -8.65 23.82
CA VAL A 230 -4.62 -9.16 23.61
C VAL A 230 -3.68 -8.04 23.12
N LEU A 231 -4.01 -7.47 21.98
CA LEU A 231 -3.17 -6.44 21.39
C LEU A 231 -3.01 -5.19 22.28
N GLU A 232 -4.13 -4.72 22.81
CA GLU A 232 -4.13 -3.49 23.59
C GLU A 232 -3.26 -3.59 24.88
N ASN A 233 -3.29 -4.74 25.54
CA ASN A 233 -2.39 -4.98 26.66
C ASN A 233 -0.96 -4.93 26.20
N HIS A 234 -0.69 -5.56 25.06
CA HIS A 234 0.67 -5.55 24.47
C HIS A 234 1.18 -4.16 24.08
N HIS A 235 0.36 -3.39 23.39
CA HIS A 235 0.70 -2.02 23.05
C HIS A 235 1.13 -1.28 24.32
N LEU A 236 0.39 -1.44 25.40
CA LEU A 236 0.73 -0.72 26.62
C LEU A 236 2.07 -1.21 27.18
N ALA A 237 2.30 -2.52 27.14
CA ALA A 237 3.51 -3.09 27.73
C ALA A 237 4.70 -2.55 27.00
N VAL A 238 4.66 -2.62 25.67
CA VAL A 238 5.78 -2.14 24.85
C VAL A 238 6.04 -0.65 25.08
N GLY A 239 5.00 0.17 24.99
CA GLY A 239 5.13 1.60 25.14
C GLY A 239 5.80 2.05 26.42
N PHE A 240 5.47 1.39 27.53
CA PHE A 240 6.05 1.71 28.82
C PHE A 240 7.44 1.07 28.99
N LYS A 241 7.59 -0.16 28.49
CA LYS A 241 8.90 -0.86 28.53
C LYS A 241 9.99 -0.05 27.84
N LEU A 242 9.64 0.64 26.77
CA LEU A 242 10.59 1.42 26.01
C LEU A 242 11.15 2.64 26.75
N LEU A 243 10.43 3.13 27.75
CA LEU A 243 10.96 4.21 28.60
C LEU A 243 12.29 3.80 29.31
N GLN A 244 12.51 2.48 29.43
CA GLN A 244 13.62 1.93 30.20
C GLN A 244 14.86 1.85 29.37
N GLU A 245 14.69 1.93 28.05
CA GLU A 245 15.81 1.99 27.13
C GLU A 245 16.63 3.24 27.40
N GLU A 246 17.86 3.23 26.89
CA GLU A 246 18.83 4.27 27.20
C GLU A 246 18.41 5.62 26.64
N HIS A 247 18.38 6.61 27.55
CA HIS A 247 17.95 7.99 27.31
C HIS A 247 16.49 8.19 26.88
N CYS A 248 15.57 7.38 27.39
CA CYS A 248 14.20 7.38 26.91
C CYS A 248 13.14 7.71 27.94
N ASP A 249 13.55 7.91 29.20
CA ASP A 249 12.55 8.15 30.24
C ASP A 249 12.07 9.58 30.14
N ILE A 250 11.07 9.78 29.28
CA ILE A 250 10.45 11.08 29.14
C ILE A 250 9.61 11.50 30.37
N PHE A 251 9.40 10.59 31.33
CA PHE A 251 8.70 10.92 32.57
C PHE A 251 9.62 10.91 33.80
N MET A 252 10.91 10.84 33.55
CA MET A 252 11.89 10.87 34.61
C MET A 252 11.63 11.99 35.62
N ASN A 253 11.30 13.18 35.12
CA ASN A 253 11.18 14.35 35.99
C ASN A 253 9.80 14.62 36.59
N LEU A 254 8.81 13.75 36.37
CA LEU A 254 7.53 13.87 37.07
C LEU A 254 7.66 13.35 38.50
N THR A 255 6.75 13.75 39.40
CA THR A 255 6.74 13.20 40.76
C THR A 255 6.13 11.81 40.72
N LYS A 256 6.29 11.04 41.79
CA LYS A 256 5.73 9.69 41.84
C LYS A 256 4.22 9.69 41.67
N LYS A 257 3.56 10.67 42.26
CA LYS A 257 2.10 10.70 42.21
C LYS A 257 1.65 11.06 40.79
N GLN A 258 2.46 11.87 40.12
CA GLN A 258 2.18 12.18 38.74
C GLN A 258 2.33 10.94 37.85
N ARG A 259 3.41 10.20 38.01
CA ARG A 259 3.63 9.00 37.21
C ARG A 259 2.51 7.99 37.40
N GLN A 260 2.08 7.81 38.64
CA GLN A 260 1.02 6.87 38.94
C GLN A 260 -0.31 7.30 38.29
N THR A 261 -0.62 8.59 38.36
CA THR A 261 -1.85 9.09 37.75
C THR A 261 -1.79 8.97 36.22
N LEU A 262 -0.64 9.27 35.63
CA LEU A 262 -0.45 9.15 34.17
C LEU A 262 -0.66 7.72 33.69
N ARG A 263 -0.02 6.80 34.38
CA ARG A 263 -0.03 5.42 34.02
C ARG A 263 -1.46 4.87 34.05
N LYS A 264 -2.22 5.19 35.08
CA LYS A 264 -3.59 4.71 35.17
C LYS A 264 -4.43 5.32 34.07
N MET A 265 -4.29 6.63 33.88
CA MET A 265 -5.01 7.30 32.79
C MET A 265 -4.72 6.69 31.43
N VAL A 266 -3.44 6.46 31.14
CA VAL A 266 -3.00 5.90 29.88
C VAL A 266 -3.49 4.45 29.66
N ILE A 267 -3.34 3.60 30.68
CA ILE A 267 -3.87 2.24 30.65
C ILE A 267 -5.37 2.26 30.33
N ASP A 268 -6.12 3.12 30.99
CA ASP A 268 -7.56 3.23 30.74
C ASP A 268 -7.85 3.64 29.29
N MET A 269 -7.06 4.56 28.77
CA MET A 269 -7.32 5.01 27.42
C MET A 269 -6.97 3.96 26.38
N VAL A 270 -5.81 3.33 26.51
CA VAL A 270 -5.44 2.36 25.50
C VAL A 270 -6.34 1.14 25.57
N LEU A 271 -6.59 0.60 26.77
CA LEU A 271 -7.53 -0.56 26.86
C LEU A 271 -8.89 -0.21 26.24
N ALA A 272 -9.28 1.05 26.30
CA ALA A 272 -10.51 1.51 25.68
C ALA A 272 -10.48 1.56 24.14
N THR A 273 -9.31 1.42 23.52
CA THR A 273 -9.26 1.35 22.04
C THR A 273 -9.55 -0.04 21.51
N ASP A 274 -9.72 -1.01 22.42
CA ASP A 274 -10.15 -2.35 22.06
C ASP A 274 -11.54 -2.21 21.43
N MET A 275 -11.65 -2.55 20.16
CA MET A 275 -12.86 -2.30 19.39
C MET A 275 -14.08 -2.96 19.96
N SER A 276 -13.91 -4.15 20.54
CA SER A 276 -15.04 -4.86 21.10
C SER A 276 -15.69 -4.07 22.24
N LYS A 277 -15.01 -3.06 22.80
CA LYS A 277 -15.61 -2.21 23.82
C LYS A 277 -16.46 -1.07 23.25
N HIS A 278 -16.56 -0.98 21.92
CA HIS A 278 -17.23 0.16 21.29
C HIS A 278 -18.67 0.41 21.80
N MET A 279 -19.54 -0.59 21.75
CA MET A 279 -20.92 -0.42 22.20
C MET A 279 -21.02 0.05 23.64
N SER A 280 -20.28 -0.57 24.55
CA SER A 280 -20.32 -0.11 25.95
C SER A 280 -19.81 1.33 26.15
N LEU A 281 -18.79 1.74 25.42
CA LEU A 281 -18.32 3.13 25.45
C LEU A 281 -19.36 4.13 24.98
N LEU A 282 -20.05 3.77 23.90
CA LEU A 282 -21.09 4.61 23.32
C LEU A 282 -22.32 4.68 24.22
N ALA A 283 -22.65 3.55 24.84
CA ALA A 283 -23.73 3.50 25.82
C ALA A 283 -23.46 4.53 26.91
N ASP A 284 -22.28 4.44 27.51
CA ASP A 284 -21.89 5.35 28.57
C ASP A 284 -21.82 6.81 28.14
N LEU A 285 -21.39 7.08 26.91
CA LEU A 285 -21.36 8.44 26.40
C LEU A 285 -22.79 9.01 26.25
N LYS A 286 -23.72 8.17 25.79
CA LYS A 286 -25.10 8.58 25.61
C LYS A 286 -25.78 8.94 26.93
N THR A 287 -25.59 8.10 27.94
CA THR A 287 -26.12 8.42 29.26
C THR A 287 -25.49 9.70 29.80
N MET A 288 -24.21 9.91 29.50
CA MET A 288 -23.55 11.14 29.89
C MET A 288 -24.10 12.38 29.19
N VAL A 289 -24.46 12.27 27.92
CA VAL A 289 -25.08 13.39 27.20
C VAL A 289 -26.38 13.80 27.90
N GLU A 290 -27.21 12.83 28.21
CA GLU A 290 -28.50 13.12 28.79
C GLU A 290 -28.46 13.63 30.26
N THR A 291 -27.30 13.58 30.89
CA THR A 291 -27.16 14.07 32.25
C THR A 291 -25.95 14.98 32.39
N LYS A 292 -25.64 15.76 31.34
CA LYS A 292 -24.41 16.60 31.34
C LYS A 292 -24.65 17.92 32.05
N LYS A 293 -23.60 18.46 32.65
CA LYS A 293 -23.66 19.74 33.30
C LYS A 293 -22.71 20.69 32.59
N VAL A 294 -23.25 21.80 32.11
CA VAL A 294 -22.43 22.87 31.56
C VAL A 294 -22.17 23.82 32.68
N THR A 295 -20.97 24.37 32.74
CA THR A 295 -20.61 25.31 33.79
C THR A 295 -20.88 26.65 33.18
N SER A 296 -19.87 27.52 33.17
CA SER A 296 -20.00 28.85 32.61
C SER A 296 -19.20 28.96 31.31
N SER A 297 -19.78 29.64 30.34
CA SER A 297 -19.15 29.93 29.05
C SER A 297 -18.99 28.69 28.17
N GLY A 298 -19.95 27.77 28.30
CA GLY A 298 -20.04 26.59 27.45
C GLY A 298 -19.22 25.38 27.89
N VAL A 299 -18.48 25.49 28.98
CA VAL A 299 -17.53 24.44 29.36
C VAL A 299 -18.23 23.32 30.14
N LEU A 300 -17.78 22.08 29.95
CA LEU A 300 -18.38 20.91 30.61
C LEU A 300 -17.94 20.80 32.07
N LEU A 301 -18.83 20.38 32.95
CA LEU A 301 -18.48 20.16 34.36
C LEU A 301 -18.18 18.68 34.57
N LEU A 302 -16.91 18.38 34.84
CA LEU A 302 -16.44 17.02 35.05
C LEU A 302 -15.72 16.95 36.40
N ASP A 303 -16.48 16.67 37.47
CA ASP A 303 -15.98 16.71 38.85
C ASP A 303 -15.03 15.56 39.12
N ASN A 304 -15.61 14.37 39.13
CA ASN A 304 -14.93 13.16 39.53
C ASN A 304 -14.04 12.61 38.43
N TYR A 305 -13.14 11.71 38.81
CA TYR A 305 -12.27 11.03 37.86
C TYR A 305 -13.04 10.23 36.82
N THR A 306 -14.05 9.49 37.26
CA THR A 306 -14.88 8.70 36.35
C THR A 306 -15.41 9.50 35.17
N ASP A 307 -15.90 10.70 35.42
CA ASP A 307 -16.49 11.54 34.36
C ASP A 307 -15.41 11.98 33.38
N ARG A 308 -14.27 12.33 33.95
CA ARG A 308 -13.12 12.82 33.19
C ARG A 308 -12.50 11.76 32.30
N ILE A 309 -12.32 10.56 32.82
CA ILE A 309 -11.67 9.50 32.05
C ILE A 309 -12.63 8.97 31.00
N GLN A 310 -13.92 9.04 31.27
CA GLN A 310 -14.92 8.61 30.32
C GLN A 310 -14.88 9.45 29.07
N VAL A 311 -14.72 10.76 29.23
CA VAL A 311 -14.65 11.66 28.11
C VAL A 311 -13.31 11.50 27.36
N LEU A 312 -12.20 11.49 28.09
CA LEU A 312 -10.91 11.29 27.45
C LEU A 312 -10.85 9.98 26.67
N ARG A 313 -11.39 8.91 27.24
CA ARG A 313 -11.31 7.64 26.56
C ARG A 313 -12.26 7.55 25.37
N ASN A 314 -13.35 8.30 25.39
CA ASN A 314 -14.17 8.40 24.17
C ASN A 314 -13.49 9.28 23.15
N MET A 315 -12.75 10.27 23.62
CA MET A 315 -12.00 11.15 22.73
C MET A 315 -10.95 10.43 21.88
N VAL A 316 -10.13 9.61 22.53
CA VAL A 316 -9.12 8.88 21.80
C VAL A 316 -9.77 7.76 20.98
N HIS A 317 -10.84 7.16 21.51
CA HIS A 317 -11.63 6.23 20.72
C HIS A 317 -12.19 6.87 19.44
N CYS A 318 -12.63 8.13 19.54
CA CYS A 318 -13.11 8.90 18.37
C CYS A 318 -12.00 9.24 17.41
N ALA A 319 -10.87 9.65 17.93
CA ALA A 319 -9.70 9.86 17.12
C ALA A 319 -9.44 8.57 16.31
N ASP A 320 -9.42 7.43 17.00
CA ASP A 320 -9.12 6.14 16.38
C ASP A 320 -10.10 5.83 15.26
N LEU A 321 -11.34 6.27 15.39
CA LEU A 321 -12.34 6.14 14.31
C LEU A 321 -12.62 7.45 13.55
N SER A 322 -11.62 8.32 13.39
CA SER A 322 -11.82 9.58 12.68
C SER A 322 -11.58 9.53 11.15
N ASN A 323 -11.13 8.41 10.62
CA ASN A 323 -10.76 8.33 9.21
C ASN A 323 -11.87 8.80 8.24
N PRO A 324 -13.12 8.35 8.46
CA PRO A 324 -14.18 8.75 7.51
C PRO A 324 -14.70 10.18 7.67
N THR A 325 -14.23 10.88 8.70
CA THR A 325 -14.59 12.28 8.97
C THR A 325 -13.56 13.27 8.37
N LYS A 326 -12.45 12.75 7.91
CA LYS A 326 -11.44 13.58 7.25
C LYS A 326 -11.84 13.79 5.79
N SER A 327 -11.10 14.65 5.11
CA SER A 327 -11.34 14.93 3.71
C SER A 327 -11.23 13.65 2.87
N LEU A 328 -11.91 13.64 1.74
CA LEU A 328 -12.06 12.42 0.97
C LEU A 328 -10.72 11.87 0.45
N GLU A 329 -9.79 12.76 0.07
CA GLU A 329 -8.44 12.33 -0.32
C GLU A 329 -7.81 11.51 0.82
N LEU A 330 -7.87 12.04 2.03
CA LEU A 330 -7.28 11.38 3.21
C LEU A 330 -8.00 10.05 3.51
N TYR A 331 -9.32 10.11 3.61
CA TYR A 331 -10.17 8.97 3.90
C TYR A 331 -9.97 7.83 2.92
N ARG A 332 -9.80 8.13 1.65
CA ARG A 332 -9.68 7.05 0.65
C ARG A 332 -8.40 6.27 0.76
N GLN A 333 -7.33 6.99 1.09
CA GLN A 333 -6.07 6.35 1.39
C GLN A 333 -6.16 5.44 2.62
N TRP A 334 -6.88 5.88 3.65
CA TRP A 334 -7.01 5.10 4.86
C TRP A 334 -7.80 3.81 4.62
N THR A 335 -8.89 3.91 3.85
CA THR A 335 -9.73 2.76 3.51
C THR A 335 -8.90 1.74 2.76
N ASP A 336 -8.11 2.19 1.81
CA ASP A 336 -7.39 1.26 0.95
C ASP A 336 -6.29 0.56 1.73
N ARG A 337 -5.75 1.26 2.71
CA ARG A 337 -4.81 0.66 3.64
C ARG A 337 -5.45 -0.40 4.56
N ILE A 338 -6.57 -0.07 5.21
CA ILE A 338 -7.18 -1.05 6.12
C ILE A 338 -7.65 -2.31 5.36
N MET A 339 -8.18 -2.13 4.15
CA MET A 339 -8.62 -3.26 3.34
C MET A 339 -7.44 -4.12 2.90
N GLU A 340 -6.36 -3.48 2.46
CA GLU A 340 -5.08 -4.20 2.23
C GLU A 340 -4.72 -5.07 3.43
N GLU A 341 -4.70 -4.49 4.63
CA GLU A 341 -4.41 -5.21 5.87
C GLU A 341 -5.40 -6.32 6.24
N PHE A 342 -6.69 -6.07 6.09
CA PHE A 342 -7.69 -7.12 6.28
C PHE A 342 -7.45 -8.26 5.27
N PHE A 343 -7.18 -7.91 4.01
CA PHE A 343 -7.05 -8.94 2.97
C PHE A 343 -5.87 -9.88 3.20
N GLN A 344 -4.78 -9.31 3.71
CA GLN A 344 -3.60 -10.07 4.03
C GLN A 344 -3.82 -10.98 5.24
N GLN A 345 -4.60 -10.54 6.22
CA GLN A 345 -5.00 -11.44 7.30
C GLN A 345 -5.78 -12.61 6.71
N GLY A 346 -6.71 -12.28 5.82
CA GLY A 346 -7.49 -13.28 5.10
C GLY A 346 -6.64 -14.31 4.39
N ASP A 347 -5.54 -13.90 3.76
CA ASP A 347 -4.64 -14.83 3.09
C ASP A 347 -3.91 -15.73 4.10
N LYS A 348 -3.45 -15.14 5.20
CA LYS A 348 -2.85 -15.92 6.28
C LYS A 348 -3.85 -16.97 6.84
N GLU A 349 -5.11 -16.59 7.00
CA GLU A 349 -6.13 -17.58 7.34
C GLU A 349 -6.25 -18.71 6.30
N ARG A 350 -6.30 -18.35 5.02
CA ARG A 350 -6.39 -19.29 3.90
C ARG A 350 -5.19 -20.23 3.84
N GLU A 351 -3.97 -19.69 3.91
CA GLU A 351 -2.74 -20.52 4.01
C GLU A 351 -2.90 -21.56 5.08
N ARG A 352 -3.47 -21.16 6.23
CA ARG A 352 -3.62 -22.03 7.39
C ARG A 352 -4.83 -22.98 7.34
N GLY A 353 -5.62 -22.94 6.27
CA GLY A 353 -6.83 -23.75 6.20
C GLY A 353 -7.92 -23.33 7.16
N MET A 354 -7.83 -22.12 7.72
CA MET A 354 -8.89 -21.61 8.61
C MET A 354 -9.94 -20.97 7.76
N GLU A 355 -11.09 -20.75 8.38
CA GLU A 355 -12.16 -20.03 7.74
C GLU A 355 -11.78 -18.55 7.65
N ILE A 356 -12.10 -17.95 6.51
CA ILE A 356 -11.77 -16.55 6.26
C ILE A 356 -12.74 -15.67 7.04
N SER A 357 -12.19 -14.75 7.84
CA SER A 357 -12.98 -13.83 8.65
C SER A 357 -13.75 -12.83 7.79
N PRO A 358 -14.81 -12.22 8.35
CA PRO A 358 -15.58 -11.25 7.57
C PRO A 358 -14.76 -10.02 7.19
N MET A 359 -14.91 -9.60 5.93
CA MET A 359 -14.18 -8.48 5.33
C MET A 359 -12.71 -8.79 5.04
N CYS A 360 -12.30 -10.04 5.17
CA CYS A 360 -10.91 -10.40 4.86
C CYS A 360 -10.73 -11.16 3.57
N ASP A 361 -11.82 -11.51 2.90
CA ASP A 361 -11.71 -12.15 1.61
C ASP A 361 -11.57 -11.12 0.50
N LYS A 362 -10.39 -11.05 -0.12
CA LYS A 362 -10.16 -10.15 -1.26
C LYS A 362 -11.07 -10.49 -2.47
N HIS A 363 -11.41 -11.75 -2.62
CA HIS A 363 -12.30 -12.18 -3.70
C HIS A 363 -13.82 -12.00 -3.41
N THR A 364 -14.21 -11.54 -2.22
CA THR A 364 -15.66 -11.32 -1.92
C THR A 364 -16.04 -10.04 -1.13
N ALA A 365 -15.11 -9.12 -0.94
CA ALA A 365 -15.46 -7.85 -0.29
C ALA A 365 -16.27 -6.97 -1.21
N SER A 366 -17.11 -6.12 -0.64
CA SER A 366 -17.69 -4.98 -1.36
C SER A 366 -17.35 -3.72 -0.57
N VAL A 367 -16.27 -3.08 -0.99
CA VAL A 367 -15.65 -2.04 -0.22
C VAL A 367 -16.56 -0.84 -0.07
N GLU A 368 -17.30 -0.51 -1.12
CA GLU A 368 -18.19 0.67 -1.08
C GLU A 368 -19.38 0.47 -0.13
N LYS A 369 -20.12 -0.60 -0.31
CA LYS A 369 -21.24 -0.89 0.57
C LYS A 369 -20.79 -0.99 2.04
N SER A 370 -19.64 -1.63 2.27
CA SER A 370 -19.07 -1.77 3.60
C SER A 370 -18.77 -0.43 4.26
N GLN A 371 -18.27 0.52 3.49
CA GLN A 371 -17.95 1.81 4.06
C GLN A 371 -19.22 2.52 4.53
N VAL A 372 -20.26 2.45 3.71
CA VAL A 372 -21.55 3.03 4.01
C VAL A 372 -22.10 2.42 5.28
N GLY A 373 -22.00 1.10 5.42
CA GLY A 373 -22.49 0.44 6.62
C GLY A 373 -21.72 0.87 7.86
N PHE A 374 -20.42 0.98 7.71
CA PHE A 374 -19.52 1.31 8.79
C PHE A 374 -19.85 2.71 9.28
N ILE A 375 -20.16 3.63 8.36
CA ILE A 375 -20.56 4.97 8.77
C ILE A 375 -21.95 4.96 9.44
N ASP A 376 -22.91 4.32 8.77
CA ASP A 376 -24.28 4.31 9.22
C ASP A 376 -24.41 3.71 10.63
N TYR A 377 -23.67 2.63 10.88
CA TYR A 377 -23.89 1.83 12.07
C TYR A 377 -22.86 2.02 13.14
N ILE A 378 -21.72 2.61 12.83
CA ILE A 378 -20.69 2.78 13.84
C ILE A 378 -20.10 4.18 13.91
N VAL A 379 -19.66 4.75 12.79
CA VAL A 379 -18.92 6.00 12.87
C VAL A 379 -19.89 7.16 13.14
N HIS A 380 -21.04 7.13 12.47
CA HIS A 380 -21.98 8.22 12.55
C HIS A 380 -22.66 8.28 13.93
N PRO A 381 -23.16 7.13 14.41
CA PRO A 381 -23.73 7.21 15.74
C PRO A 381 -22.72 7.72 16.76
N LEU A 382 -21.51 7.19 16.74
CA LEU A 382 -20.48 7.66 17.67
C LEU A 382 -20.22 9.17 17.58
N TRP A 383 -20.11 9.70 16.37
CA TRP A 383 -19.75 11.11 16.17
C TRP A 383 -20.91 12.05 16.41
N GLU A 384 -22.12 11.56 16.17
CA GLU A 384 -23.35 12.29 16.48
C GLU A 384 -23.52 12.51 17.99
N THR A 385 -23.20 11.47 18.77
CA THR A 385 -23.27 11.56 20.22
C THR A 385 -22.19 12.49 20.70
N TRP A 386 -21.04 12.47 20.04
CA TRP A 386 -19.92 13.29 20.46
C TRP A 386 -20.26 14.75 20.18
N ALA A 387 -20.84 15.00 19.02
CA ALA A 387 -21.26 16.34 18.64
C ALA A 387 -22.25 16.88 19.66
N ASP A 388 -23.13 16.01 20.16
CA ASP A 388 -24.11 16.41 21.15
C ASP A 388 -23.40 16.78 22.47
N LEU A 389 -22.51 15.92 22.93
CA LEU A 389 -21.72 16.27 24.11
C LEU A 389 -21.04 17.63 24.02
N VAL A 390 -20.43 17.95 22.86
CA VAL A 390 -19.52 19.10 22.71
C VAL A 390 -20.09 20.24 21.81
N GLN A 391 -21.41 20.23 21.62
CA GLN A 391 -22.03 21.22 20.74
C GLN A 391 -21.74 22.62 21.20
N PRO A 392 -21.61 23.57 20.27
CA PRO A 392 -21.81 23.46 18.82
C PRO A 392 -20.63 22.91 17.99
N ASP A 393 -19.62 22.30 18.61
CA ASP A 393 -18.48 21.79 17.86
C ASP A 393 -18.81 20.47 17.10
N ALA A 394 -17.88 20.03 16.26
CA ALA A 394 -17.94 18.75 15.55
C ALA A 394 -18.94 18.73 14.39
N GLN A 395 -19.58 19.86 14.11
CA GLN A 395 -20.62 19.90 13.10
C GLN A 395 -20.10 19.85 11.65
N ASP A 396 -18.99 20.53 11.35
CA ASP A 396 -18.33 20.40 10.01
C ASP A 396 -17.77 18.98 9.85
N ILE A 397 -17.28 18.42 10.96
CA ILE A 397 -16.80 17.05 11.01
C ILE A 397 -17.94 16.14 10.59
N LEU A 398 -19.14 16.39 11.11
CA LEU A 398 -20.33 15.58 10.83
C LEU A 398 -20.81 15.74 9.40
N ASP A 399 -20.67 16.95 8.86
CA ASP A 399 -21.08 17.23 7.49
C ASP A 399 -20.11 16.60 6.47
N THR A 400 -18.81 16.61 6.79
CA THR A 400 -17.82 15.94 5.94
C THR A 400 -18.04 14.43 5.90
N LEU A 401 -18.38 13.90 7.06
CA LEU A 401 -18.77 12.51 7.22
C LEU A 401 -19.91 12.10 6.29
N GLU A 402 -20.95 12.93 6.17
CA GLU A 402 -22.06 12.69 5.21
C GLU A 402 -21.67 12.79 3.75
N ASP A 403 -20.88 13.82 3.41
CA ASP A 403 -20.30 13.92 2.04
C ASP A 403 -19.56 12.63 1.68
N ASN A 404 -18.69 12.20 2.59
CA ASN A 404 -17.87 11.02 2.33
C ASN A 404 -18.72 9.78 2.16
N ARG A 405 -19.63 9.57 3.11
CA ARG A 405 -20.64 8.53 3.02
C ARG A 405 -21.39 8.57 1.70
N ASN A 406 -21.80 9.75 1.26
CA ASN A 406 -22.56 9.88 0.00
C ASN A 406 -21.70 9.67 -1.22
N TRP A 407 -20.43 10.05 -1.15
CA TRP A 407 -19.49 9.72 -2.21
C TRP A 407 -19.35 8.19 -2.39
N TYR A 408 -19.16 7.46 -1.29
CA TYR A 408 -19.04 5.99 -1.36
C TYR A 408 -20.37 5.33 -1.78
N GLN A 409 -21.50 5.93 -1.40
CA GLN A 409 -22.80 5.48 -1.92
C GLN A 409 -22.90 5.73 -3.42
N SER A 410 -22.52 6.91 -3.86
CA SER A 410 -22.55 7.22 -5.28
C SER A 410 -21.71 6.24 -6.10
N MET A 411 -20.72 5.63 -5.47
CA MET A 411 -19.82 4.70 -6.16
C MET A 411 -20.20 3.23 -5.98
N ILE A 412 -21.42 2.95 -5.53
CA ILE A 412 -21.86 1.55 -5.34
C ILE A 412 -22.43 1.07 -6.64
N PRO A 413 -21.79 0.08 -7.29
CA PRO A 413 -22.39 -0.43 -8.54
C PRO A 413 -23.71 -1.16 -8.29
N GLN A 414 -24.77 -0.77 -9.02
CA GLN A 414 -26.17 -1.21 -8.75
C GLN A 414 -26.65 -0.94 -7.33
N SER B 8 30.69 -3.94 -27.46
CA SER B 8 31.34 -2.64 -27.76
C SER B 8 32.00 -2.05 -26.50
N ASN B 9 33.29 -1.73 -26.59
CA ASN B 9 34.03 -1.14 -25.49
C ASN B 9 33.68 0.34 -25.33
N LYS B 10 33.32 1.00 -26.44
CA LYS B 10 33.02 2.43 -26.39
C LYS B 10 31.63 2.69 -25.77
N PHE B 11 30.70 1.75 -25.93
CA PHE B 11 29.45 1.79 -25.19
C PHE B 11 29.71 1.61 -23.67
N LYS B 12 30.51 0.61 -23.32
CA LYS B 12 30.82 0.33 -21.92
C LYS B 12 31.53 1.53 -21.28
N ARG B 13 32.48 2.13 -21.99
CA ARG B 13 33.19 3.35 -21.52
C ARG B 13 32.26 4.56 -21.34
N MET B 14 31.36 4.76 -22.31
CA MET B 14 30.37 5.85 -22.27
C MET B 14 29.40 5.69 -21.09
N LEU B 15 28.91 4.47 -20.92
CA LEU B 15 28.03 4.07 -19.82
C LEU B 15 28.68 4.35 -18.45
N ASN B 16 29.95 3.98 -18.33
CA ASN B 16 30.74 4.21 -17.11
C ASN B 16 30.93 5.71 -16.83
N ARG B 17 31.11 6.49 -17.89
CA ARG B 17 31.36 7.91 -17.81
C ARG B 17 30.18 8.70 -17.24
N GLU B 18 28.98 8.34 -17.67
CA GLU B 18 27.79 9.10 -17.36
C GLU B 18 27.35 8.82 -15.95
N LEU B 19 27.48 7.55 -15.55
CA LEU B 19 27.27 7.12 -14.15
C LEU B 19 28.29 7.70 -13.17
N THR B 20 29.54 7.87 -13.59
CA THR B 20 30.54 8.56 -12.76
C THR B 20 30.19 10.04 -12.58
N HIS B 21 29.82 10.69 -13.66
CA HIS B 21 29.39 12.07 -13.57
C HIS B 21 28.16 12.19 -12.66
N LEU B 22 27.19 11.27 -12.82
CA LEU B 22 25.98 11.25 -11.99
C LEU B 22 26.25 11.13 -10.49
N SER B 23 27.18 10.28 -10.07
CA SER B 23 27.40 10.08 -8.61
C SER B 23 28.17 11.23 -7.97
N GLU B 24 28.91 11.98 -8.81
CA GLU B 24 29.64 13.14 -8.34
C GLU B 24 28.78 14.40 -8.31
N MET B 25 27.60 14.37 -8.94
CA MET B 25 26.68 15.51 -8.94
C MET B 25 26.23 15.96 -7.55
N SER B 26 25.99 15.01 -6.64
CA SER B 26 25.35 15.29 -5.35
C SER B 26 25.07 13.98 -4.64
N ARG B 27 24.72 14.07 -3.34
CA ARG B 27 24.33 12.87 -2.56
C ARG B 27 23.23 12.12 -3.31
N SER B 28 22.26 12.86 -3.83
CA SER B 28 21.14 12.22 -4.51
C SER B 28 21.58 11.41 -5.73
N GLY B 29 22.40 12.03 -6.56
CA GLY B 29 22.92 11.35 -7.76
C GLY B 29 23.85 10.19 -7.43
N ASN B 30 24.56 10.29 -6.31
CA ASN B 30 25.34 9.17 -5.83
C ASN B 30 24.48 7.93 -5.61
N GLN B 31 23.35 8.13 -4.95
CA GLN B 31 22.47 7.02 -4.57
C GLN B 31 21.71 6.48 -5.75
N VAL B 32 21.38 7.35 -6.69
CA VAL B 32 20.73 6.91 -7.91
C VAL B 32 21.71 6.13 -8.76
N SER B 33 22.94 6.64 -8.82
CA SER B 33 24.04 6.00 -9.51
C SER B 33 24.46 4.65 -8.87
N GLU B 34 24.46 4.57 -7.54
CA GLU B 34 24.69 3.30 -6.86
C GLU B 34 23.54 2.35 -7.24
N TYR B 35 22.31 2.84 -7.21
CA TYR B 35 21.18 1.99 -7.57
C TYR B 35 21.33 1.43 -9.00
N ILE B 36 21.57 2.29 -9.98
CA ILE B 36 21.64 1.84 -11.38
C ILE B 36 22.68 0.77 -11.62
N SER B 37 23.91 1.02 -11.14
CA SER B 37 25.00 0.06 -11.20
C SER B 37 24.68 -1.29 -10.55
N ASN B 38 24.02 -1.25 -9.41
CA ASN B 38 23.61 -2.49 -8.77
C ASN B 38 22.32 -3.12 -9.28
N THR B 39 21.66 -2.51 -10.26
CA THR B 39 20.38 -3.06 -10.72
C THR B 39 20.32 -3.35 -12.23
N PHE B 40 20.87 -2.44 -13.04
CA PHE B 40 20.66 -2.46 -14.48
C PHE B 40 21.87 -2.87 -15.34
N LEU B 41 23.01 -3.11 -14.68
CA LEU B 41 24.24 -3.57 -15.32
C LEU B 41 24.61 -5.00 -14.93
N ASP B 42 25.42 -5.62 -15.79
CA ASP B 42 26.09 -6.88 -15.50
C ASP B 42 27.56 -6.63 -15.16
N SER B 80 -21.40 -13.95 -16.60
CA SER B 80 -20.36 -13.17 -15.94
C SER B 80 -19.02 -13.86 -16.17
N ILE B 81 -18.95 -15.12 -15.76
CA ILE B 81 -17.77 -15.94 -15.96
C ILE B 81 -17.57 -16.25 -17.46
N SER B 82 -18.67 -16.46 -18.19
CA SER B 82 -18.62 -16.63 -19.65
C SER B 82 -18.18 -15.34 -20.35
N ARG B 83 -18.54 -14.22 -19.77
CA ARG B 83 -18.30 -12.91 -20.37
C ARG B 83 -16.91 -12.34 -20.07
N PHE B 84 -16.46 -12.50 -18.82
CA PHE B 84 -15.24 -11.85 -18.32
C PHE B 84 -14.18 -12.79 -17.76
N GLY B 85 -14.54 -14.06 -17.55
CA GLY B 85 -13.61 -15.02 -16.95
C GLY B 85 -13.51 -14.95 -15.44
N VAL B 86 -14.20 -13.98 -14.84
CA VAL B 86 -14.25 -13.83 -13.39
C VAL B 86 -15.72 -13.62 -13.00
N ASN B 87 -16.09 -14.05 -11.80
CA ASN B 87 -17.43 -13.84 -11.30
C ASN B 87 -17.51 -12.51 -10.59
N THR B 88 -18.30 -11.59 -11.14
CA THR B 88 -18.53 -10.28 -10.55
C THR B 88 -19.98 -9.91 -10.80
N GLU B 89 -20.52 -9.05 -9.94
CA GLU B 89 -21.85 -8.44 -10.11
C GLU B 89 -21.72 -6.95 -10.45
N ASN B 90 -20.52 -6.55 -10.87
CA ASN B 90 -20.26 -5.22 -11.37
C ASN B 90 -20.05 -5.33 -12.88
N GLU B 91 -20.95 -6.06 -13.55
CA GLU B 91 -20.72 -6.41 -14.93
C GLU B 91 -20.67 -5.19 -15.82
N ASP B 92 -21.41 -4.15 -15.46
CA ASP B 92 -21.43 -2.92 -16.24
C ASP B 92 -20.16 -2.11 -16.08
N HIS B 93 -19.76 -1.88 -14.83
CA HIS B 93 -18.53 -1.13 -14.52
C HIS B 93 -17.28 -1.77 -15.07
N LEU B 94 -17.17 -3.09 -14.90
CA LEU B 94 -16.05 -3.83 -15.45
C LEU B 94 -16.02 -3.71 -16.98
N ALA B 95 -17.18 -3.82 -17.62
CA ALA B 95 -17.26 -3.78 -19.08
C ALA B 95 -16.73 -2.45 -19.62
N LYS B 96 -16.97 -1.37 -18.89
CA LYS B 96 -16.55 -0.04 -19.32
C LYS B 96 -15.03 0.13 -19.21
N GLU B 97 -14.45 -0.26 -18.07
CA GLU B 97 -12.99 -0.27 -17.93
C GLU B 97 -12.36 -1.12 -19.05
N LEU B 98 -12.97 -2.26 -19.38
CA LEU B 98 -12.43 -3.16 -20.41
C LEU B 98 -12.58 -2.66 -21.85
N GLU B 99 -13.22 -1.53 -22.04
CA GLU B 99 -13.20 -0.89 -23.35
C GLU B 99 -11.86 -0.23 -23.64
N ASP B 100 -11.00 -0.13 -22.61
CA ASP B 100 -9.64 0.36 -22.80
C ASP B 100 -8.64 -0.75 -23.05
N LEU B 101 -9.12 -1.96 -23.31
CA LEU B 101 -8.22 -3.12 -23.42
C LEU B 101 -7.11 -2.81 -24.41
N ASN B 102 -7.47 -2.29 -25.57
CA ASN B 102 -6.52 -1.93 -26.61
C ASN B 102 -5.84 -0.55 -26.45
N LYS B 103 -5.94 0.09 -25.30
CA LYS B 103 -5.35 1.39 -25.07
C LYS B 103 -4.29 1.43 -23.95
N TRP B 104 -3.29 2.26 -24.18
CA TRP B 104 -2.25 2.50 -23.17
C TRP B 104 -2.84 2.98 -21.86
N GLY B 105 -3.96 3.69 -21.93
CA GLY B 105 -4.56 4.22 -20.73
C GLY B 105 -5.39 3.28 -19.88
N LEU B 106 -5.53 2.01 -20.24
CA LEU B 106 -6.33 1.12 -19.40
C LEU B 106 -5.96 1.28 -17.96
N ASN B 107 -6.95 1.44 -17.08
CA ASN B 107 -6.70 1.49 -15.63
C ASN B 107 -6.92 0.12 -14.93
N ILE B 108 -5.81 -0.58 -14.72
CA ILE B 108 -5.82 -1.93 -14.18
C ILE B 108 -6.23 -1.92 -12.69
N PHE B 109 -6.07 -0.79 -12.01
CA PHE B 109 -6.54 -0.70 -10.61
C PHE B 109 -8.04 -0.84 -10.60
N ASN B 110 -8.73 -0.08 -11.44
CA ASN B 110 -10.18 -0.21 -11.52
C ASN B 110 -10.62 -1.61 -11.96
N VAL B 111 -9.88 -2.24 -12.87
CA VAL B 111 -10.18 -3.61 -13.25
C VAL B 111 -10.11 -4.53 -12.03
N ALA B 112 -9.09 -4.38 -11.20
CA ALA B 112 -8.98 -5.13 -9.95
C ALA B 112 -10.23 -4.87 -9.09
N GLY B 113 -10.58 -3.59 -8.94
CA GLY B 113 -11.79 -3.19 -8.24
C GLY B 113 -13.07 -3.87 -8.70
N TYR B 114 -13.28 -3.98 -10.00
CA TYR B 114 -14.53 -4.54 -10.49
C TYR B 114 -14.50 -6.05 -10.75
N SER B 115 -13.34 -6.66 -10.57
CA SER B 115 -13.16 -8.09 -10.85
C SER B 115 -12.97 -8.90 -9.57
N HIS B 116 -13.40 -8.35 -8.44
CA HIS B 116 -13.15 -8.97 -7.14
C HIS B 116 -11.68 -9.37 -6.98
N ASN B 117 -10.79 -8.43 -7.30
CA ASN B 117 -9.34 -8.61 -7.21
C ASN B 117 -8.77 -9.81 -7.97
N ARG B 118 -9.23 -9.97 -9.21
CA ARG B 118 -8.67 -10.92 -10.16
C ARG B 118 -8.22 -10.18 -11.42
N PRO B 119 -7.38 -9.15 -11.27
CA PRO B 119 -7.03 -8.39 -12.45
C PRO B 119 -6.33 -9.22 -13.54
N LEU B 120 -5.50 -10.20 -13.16
CA LEU B 120 -4.77 -10.99 -14.13
C LEU B 120 -5.69 -11.94 -14.88
N THR B 121 -6.58 -12.62 -14.17
CA THR B 121 -7.46 -13.59 -14.79
C THR B 121 -8.32 -12.86 -15.77
N CYS B 122 -8.87 -11.74 -15.31
CA CYS B 122 -9.77 -10.92 -16.10
C CYS B 122 -9.11 -10.34 -17.35
N ILE B 123 -7.95 -9.73 -17.19
CA ILE B 123 -7.24 -9.13 -18.32
C ILE B 123 -6.82 -10.19 -19.34
N MET B 124 -6.31 -11.30 -18.83
CA MET B 124 -5.83 -12.36 -19.70
C MET B 124 -6.96 -12.98 -20.52
N TYR B 125 -8.11 -13.16 -19.91
CA TYR B 125 -9.27 -13.67 -20.63
C TYR B 125 -9.75 -12.63 -21.64
N ALA B 126 -9.72 -11.34 -21.29
CA ALA B 126 -10.03 -10.30 -22.28
C ALA B 126 -9.07 -10.36 -23.51
N ILE B 127 -7.76 -10.42 -23.26
CA ILE B 127 -6.78 -10.44 -24.35
C ILE B 127 -6.98 -11.67 -25.22
N PHE B 128 -7.20 -12.80 -24.57
CA PHE B 128 -7.35 -14.05 -25.32
C PHE B 128 -8.65 -14.11 -26.13
N GLN B 129 -9.74 -13.54 -25.60
CA GLN B 129 -10.97 -13.34 -26.39
C GLN B 129 -10.71 -12.37 -27.54
N GLU B 130 -10.20 -11.20 -27.22
CA GLU B 130 -9.80 -10.19 -28.21
C GLU B 130 -9.04 -10.68 -29.44
N ARG B 131 -8.02 -11.52 -29.23
CA ARG B 131 -7.18 -11.99 -30.31
C ARG B 131 -7.61 -13.38 -30.82
N ASP B 132 -8.63 -13.95 -30.18
CA ASP B 132 -9.20 -15.24 -30.60
C ASP B 132 -8.23 -16.40 -30.37
N LEU B 133 -7.39 -16.23 -29.35
CA LEU B 133 -6.34 -17.19 -29.11
C LEU B 133 -6.88 -18.51 -28.58
N LEU B 134 -7.96 -18.49 -27.80
CA LEU B 134 -8.52 -19.73 -27.24
C LEU B 134 -9.02 -20.69 -28.32
N LYS B 135 -9.79 -20.16 -29.27
CA LYS B 135 -10.17 -20.93 -30.47
C LYS B 135 -8.94 -21.39 -31.25
N THR B 136 -8.09 -20.46 -31.65
CA THR B 136 -6.91 -20.78 -32.48
C THR B 136 -6.05 -21.92 -31.92
N PHE B 137 -5.87 -21.96 -30.61
CA PHE B 137 -5.02 -22.99 -30.01
C PHE B 137 -5.84 -24.04 -29.28
N ARG B 138 -7.16 -23.99 -29.52
CA ARG B 138 -8.11 -24.93 -28.97
C ARG B 138 -7.98 -25.07 -27.47
N ILE B 139 -7.98 -23.93 -26.79
CA ILE B 139 -7.90 -23.87 -25.35
C ILE B 139 -9.32 -23.64 -24.87
N SER B 140 -9.81 -24.46 -23.95
CA SER B 140 -11.16 -24.29 -23.43
C SER B 140 -11.17 -23.27 -22.31
N SER B 141 -12.30 -22.61 -22.15
CA SER B 141 -12.50 -21.67 -21.06
C SER B 141 -12.26 -22.27 -19.69
N ASP B 142 -12.66 -23.53 -19.50
CA ASP B 142 -12.45 -24.22 -18.21
C ASP B 142 -10.94 -24.27 -17.94
N THR B 143 -10.19 -24.82 -18.89
CA THR B 143 -8.76 -25.00 -18.70
C THR B 143 -8.10 -23.65 -18.48
N PHE B 144 -8.53 -22.68 -19.27
CA PHE B 144 -7.91 -21.38 -19.26
C PHE B 144 -8.16 -20.61 -17.98
N ILE B 145 -9.38 -20.62 -17.47
CA ILE B 145 -9.66 -19.88 -16.24
C ILE B 145 -8.99 -20.58 -15.06
N THR B 146 -9.09 -21.90 -15.01
CA THR B 146 -8.46 -22.66 -13.94
C THR B 146 -6.98 -22.37 -13.88
N TYR B 147 -6.29 -22.38 -15.02
CA TYR B 147 -4.85 -22.05 -15.01
C TYR B 147 -4.66 -20.61 -14.58
N MET B 148 -5.35 -19.68 -15.20
CA MET B 148 -5.19 -18.28 -14.82
C MET B 148 -5.50 -17.99 -13.34
N MET B 149 -6.49 -18.64 -12.75
CA MET B 149 -6.75 -18.46 -11.31
C MET B 149 -5.62 -18.98 -10.44
N THR B 150 -5.13 -20.16 -10.79
CA THR B 150 -4.01 -20.79 -10.12
C THR B 150 -2.73 -19.94 -10.23
N LEU B 151 -2.46 -19.42 -11.43
CA LEU B 151 -1.35 -18.49 -11.64
C LEU B 151 -1.52 -17.25 -10.79
N GLU B 152 -2.71 -16.64 -10.79
CA GLU B 152 -2.94 -15.43 -10.02
C GLU B 152 -2.78 -15.69 -8.53
N ASP B 153 -3.15 -16.90 -8.12
CA ASP B 153 -3.11 -17.24 -6.72
C ASP B 153 -1.69 -17.44 -6.21
N HIS B 154 -0.73 -17.64 -7.10
CA HIS B 154 0.65 -17.83 -6.73
C HIS B 154 1.48 -16.54 -6.79
N TYR B 155 0.89 -15.46 -7.28
CA TYR B 155 1.43 -14.14 -7.00
C TYR B 155 1.05 -13.78 -5.57
N HIS B 156 1.98 -13.24 -4.80
CA HIS B 156 1.76 -12.88 -3.38
C HIS B 156 1.02 -11.55 -3.22
N SER B 157 -0.14 -11.57 -2.60
CA SER B 157 -0.88 -10.33 -2.31
C SER B 157 -0.25 -9.40 -1.27
N ASP B 158 0.70 -9.91 -0.47
CA ASP B 158 1.34 -9.10 0.57
C ASP B 158 2.63 -8.44 0.10
N VAL B 159 2.85 -8.47 -1.21
CA VAL B 159 4.00 -7.82 -1.85
C VAL B 159 3.42 -6.61 -2.59
N ALA B 160 3.95 -5.43 -2.30
CA ALA B 160 3.31 -4.18 -2.71
C ALA B 160 3.29 -3.97 -4.23
N TYR B 161 4.38 -4.28 -4.93
CA TYR B 161 4.50 -4.05 -6.37
C TYR B 161 4.43 -5.36 -7.18
N HIS B 162 5.27 -6.37 -6.84
CA HIS B 162 5.36 -7.59 -7.66
C HIS B 162 4.23 -8.59 -7.38
N ASN B 163 2.99 -8.15 -7.61
CA ASN B 163 1.80 -8.99 -7.43
C ASN B 163 1.06 -9.13 -8.75
N SER B 164 -0.12 -9.75 -8.75
CA SER B 164 -0.87 -9.97 -10.02
C SER B 164 -1.33 -8.71 -10.73
N LEU B 165 -1.39 -7.60 -10.00
CA LEU B 165 -1.70 -6.30 -10.56
C LEU B 165 -0.60 -5.87 -11.56
N HIS B 166 0.66 -6.03 -11.15
CA HIS B 166 1.79 -5.69 -12.00
C HIS B 166 1.87 -6.63 -13.20
N ALA B 167 1.65 -7.91 -12.95
CA ALA B 167 1.62 -8.93 -14.01
C ALA B 167 0.55 -8.62 -15.06
N ALA B 168 -0.62 -8.21 -14.56
CA ALA B 168 -1.77 -7.87 -15.38
C ALA B 168 -1.48 -6.63 -16.22
N ASP B 169 -0.88 -5.62 -15.56
CA ASP B 169 -0.41 -4.40 -16.21
C ASP B 169 0.57 -4.69 -17.35
N VAL B 170 1.61 -5.47 -17.04
CA VAL B 170 2.63 -5.84 -18.02
C VAL B 170 2.01 -6.67 -19.15
N ALA B 171 1.10 -7.60 -18.83
CA ALA B 171 0.34 -8.36 -19.86
C ALA B 171 -0.48 -7.45 -20.82
N GLN B 172 -1.24 -6.51 -20.26
CA GLN B 172 -2.06 -5.62 -21.06
C GLN B 172 -1.21 -4.69 -21.92
N SER B 173 -0.07 -4.26 -21.39
CA SER B 173 0.81 -3.37 -22.13
C SER B 173 1.49 -4.11 -23.29
N THR B 174 1.95 -5.33 -23.04
CA THR B 174 2.48 -6.18 -24.09
C THR B 174 1.44 -6.31 -25.19
N HIS B 175 0.18 -6.47 -24.80
CA HIS B 175 -0.94 -6.60 -25.74
C HIS B 175 -1.11 -5.35 -26.56
N VAL B 176 -1.02 -4.20 -25.94
CA VAL B 176 -1.10 -2.97 -26.69
C VAL B 176 0.13 -2.83 -27.61
N LEU B 177 1.33 -3.04 -27.06
CA LEU B 177 2.57 -2.93 -27.83
C LEU B 177 2.68 -3.90 -29.03
N LEU B 178 2.06 -5.07 -28.94
CA LEU B 178 2.06 -6.02 -30.05
C LEU B 178 1.25 -5.49 -31.28
N SER B 179 0.40 -4.48 -31.06
CA SER B 179 -0.40 -3.89 -32.14
C SER B 179 0.25 -2.65 -32.74
N THR B 180 1.47 -2.36 -32.32
CA THR B 180 2.25 -1.32 -32.97
C THR B 180 2.28 -1.60 -34.50
N PRO B 181 1.81 -0.64 -35.32
CA PRO B 181 1.72 -0.83 -36.77
C PRO B 181 2.95 -1.43 -37.45
N ALA B 182 4.15 -1.07 -36.98
CA ALA B 182 5.40 -1.54 -37.60
C ALA B 182 5.67 -3.03 -37.34
N LEU B 183 5.03 -3.58 -36.30
CA LEU B 183 5.17 -4.99 -35.93
C LEU B 183 3.91 -5.79 -36.12
N ASP B 184 2.77 -5.12 -36.23
CA ASP B 184 1.46 -5.74 -36.04
C ASP B 184 1.16 -6.87 -37.06
N ALA B 185 1.76 -6.81 -38.24
CA ALA B 185 1.58 -7.85 -39.28
C ALA B 185 2.70 -8.91 -39.21
N VAL B 186 3.76 -8.59 -38.47
CA VAL B 186 5.00 -9.40 -38.40
C VAL B 186 4.90 -10.76 -37.68
N PHE B 187 4.20 -10.82 -36.57
CA PHE B 187 4.28 -11.98 -35.68
C PHE B 187 3.18 -13.02 -35.86
N THR B 188 3.55 -14.28 -35.77
CA THR B 188 2.57 -15.33 -35.82
C THR B 188 1.81 -15.37 -34.50
N ASP B 189 0.72 -16.13 -34.48
CA ASP B 189 -0.06 -16.30 -33.28
C ASP B 189 0.72 -17.04 -32.17
N LEU B 190 1.55 -18.01 -32.54
CA LEU B 190 2.36 -18.72 -31.54
C LEU B 190 3.27 -17.74 -30.83
N GLU B 191 3.84 -16.82 -31.59
CA GLU B 191 4.69 -15.76 -31.05
C GLU B 191 3.89 -14.81 -30.20
N ILE B 192 2.67 -14.49 -30.60
CA ILE B 192 1.81 -13.60 -29.82
C ILE B 192 1.47 -14.25 -28.48
N LEU B 193 1.11 -15.53 -28.52
CA LEU B 193 0.73 -16.32 -27.35
C LEU B 193 1.88 -16.38 -26.34
N ALA B 194 3.08 -16.68 -26.85
CA ALA B 194 4.29 -16.74 -26.04
C ALA B 194 4.56 -15.41 -25.31
N ALA B 195 4.54 -14.31 -26.05
CA ALA B 195 4.82 -13.01 -25.50
C ALA B 195 3.83 -12.65 -24.42
N ILE B 196 2.54 -12.91 -24.65
CA ILE B 196 1.52 -12.52 -23.67
C ILE B 196 1.51 -13.41 -22.42
N PHE B 197 1.65 -14.72 -22.65
CA PHE B 197 1.86 -15.68 -21.57
C PHE B 197 3.14 -15.37 -20.77
N ALA B 198 4.23 -15.12 -21.49
CA ALA B 198 5.47 -14.69 -20.87
C ALA B 198 5.20 -13.55 -19.89
N ALA B 199 4.51 -12.54 -20.38
CA ALA B 199 4.22 -11.38 -19.57
C ALA B 199 3.37 -11.75 -18.34
N ALA B 200 2.35 -12.59 -18.58
CA ALA B 200 1.51 -13.09 -17.49
C ALA B 200 2.31 -13.70 -16.35
N ILE B 201 3.31 -14.52 -16.68
CA ILE B 201 4.02 -15.31 -15.66
C ILE B 201 5.32 -14.69 -15.20
N HIS B 202 5.65 -13.52 -15.74
CA HIS B 202 7.01 -12.99 -15.64
C HIS B 202 7.52 -12.76 -14.21
N ASP B 203 6.63 -12.48 -13.24
CA ASP B 203 7.06 -12.34 -11.83
C ASP B 203 6.33 -13.29 -10.84
N VAL B 204 5.84 -14.43 -11.31
CA VAL B 204 5.03 -15.25 -10.44
C VAL B 204 5.85 -15.77 -9.26
N ASP B 205 5.23 -15.73 -8.07
CA ASP B 205 5.86 -16.15 -6.83
C ASP B 205 7.00 -15.22 -6.40
N HIS B 206 6.97 -13.97 -6.81
CA HIS B 206 7.97 -13.00 -6.34
C HIS B 206 7.79 -12.77 -4.84
N PRO B 207 8.87 -12.88 -4.05
CA PRO B 207 8.80 -12.63 -2.61
C PRO B 207 8.95 -11.16 -2.17
N GLY B 208 9.11 -10.25 -3.11
CA GLY B 208 9.20 -8.84 -2.76
C GLY B 208 10.61 -8.39 -2.39
N VAL B 209 11.62 -9.23 -2.65
CA VAL B 209 13.03 -8.88 -2.43
C VAL B 209 13.86 -9.12 -3.71
N SER B 210 15.02 -8.46 -3.77
CA SER B 210 15.84 -8.39 -4.98
C SER B 210 16.75 -9.63 -5.15
N ASN B 211 17.17 -9.87 -6.38
CA ASN B 211 18.13 -10.93 -6.64
C ASN B 211 19.33 -10.79 -5.73
N GLN B 212 19.80 -9.56 -5.49
CA GLN B 212 20.99 -9.41 -4.66
C GLN B 212 20.75 -9.71 -3.19
N PHE B 213 19.60 -9.36 -2.63
CA PHE B 213 19.24 -9.76 -1.26
C PHE B 213 19.29 -11.29 -1.11
N LEU B 214 18.70 -11.98 -2.09
CA LEU B 214 18.64 -13.45 -2.06
C LEU B 214 20.03 -14.09 -2.09
N ILE B 215 20.94 -13.51 -2.86
CA ILE B 215 22.34 -13.94 -2.88
C ILE B 215 23.00 -13.63 -1.52
N ASN B 216 22.94 -12.37 -1.09
CA ASN B 216 23.46 -11.96 0.24
C ASN B 216 22.91 -12.71 1.48
N THR B 217 21.68 -13.18 1.44
CA THR B 217 21.14 -13.88 2.60
C THR B 217 21.26 -15.38 2.41
N ASN B 218 22.01 -15.82 1.41
CA ASN B 218 22.18 -17.24 1.16
C ASN B 218 20.82 -17.91 1.08
N SER B 219 19.90 -17.33 0.33
CA SER B 219 18.62 -17.97 0.11
C SER B 219 18.73 -19.37 -0.54
N GLU B 220 17.77 -20.22 -0.24
CA GLU B 220 17.69 -21.53 -0.88
C GLU B 220 17.52 -21.41 -2.39
N LEU B 221 16.91 -20.30 -2.81
CA LEU B 221 16.62 -20.03 -4.20
C LEU B 221 17.91 -19.64 -4.92
N ALA B 222 18.70 -18.78 -4.28
CA ALA B 222 20.01 -18.42 -4.81
C ALA B 222 20.92 -19.68 -4.87
N LEU B 223 20.77 -20.58 -3.90
CA LEU B 223 21.50 -21.84 -3.87
C LEU B 223 21.04 -22.73 -5.04
N MET B 224 19.73 -22.79 -5.26
CA MET B 224 19.18 -23.61 -6.30
C MET B 224 19.66 -23.16 -7.70
N TYR B 225 19.70 -21.84 -7.92
CA TYR B 225 20.02 -21.27 -9.24
C TYR B 225 21.42 -20.66 -9.35
N ASN B 226 22.23 -20.82 -8.33
CA ASN B 226 23.66 -20.52 -8.44
C ASN B 226 23.97 -19.02 -8.70
N ASP B 227 23.20 -18.15 -8.03
CA ASP B 227 23.37 -16.68 -8.07
C ASP B 227 23.08 -15.95 -9.40
N GLU B 228 22.64 -16.63 -10.43
CA GLU B 228 22.44 -16.00 -11.74
C GLU B 228 20.98 -16.13 -12.17
N SER B 229 20.35 -14.97 -12.36
CA SER B 229 18.94 -14.84 -12.66
C SER B 229 18.03 -15.65 -11.72
N VAL B 230 18.22 -15.45 -10.42
CA VAL B 230 17.58 -16.30 -9.43
C VAL B 230 16.06 -16.27 -9.56
N LEU B 231 15.50 -15.07 -9.42
CA LEU B 231 14.04 -14.95 -9.47
C LEU B 231 13.46 -15.37 -10.81
N GLU B 232 14.09 -14.92 -11.91
CA GLU B 232 13.55 -15.08 -13.25
C GLU B 232 13.47 -16.56 -13.68
N ASN B 233 14.49 -17.31 -13.35
CA ASN B 233 14.44 -18.77 -13.44
C ASN B 233 13.32 -19.33 -12.63
N HIS B 234 13.15 -18.84 -11.40
CA HIS B 234 12.08 -19.31 -10.52
C HIS B 234 10.68 -19.01 -11.07
N HIS B 235 10.47 -17.78 -11.50
CA HIS B 235 9.24 -17.41 -12.17
C HIS B 235 8.92 -18.37 -13.32
N LEU B 236 9.93 -18.70 -14.13
CA LEU B 236 9.68 -19.60 -15.24
C LEU B 236 9.32 -21.00 -14.75
N ALA B 237 10.03 -21.50 -13.76
CA ALA B 237 9.77 -22.86 -13.24
C ALA B 237 8.32 -22.97 -12.78
N VAL B 238 7.91 -22.05 -11.91
CA VAL B 238 6.56 -22.03 -11.37
C VAL B 238 5.51 -21.95 -12.48
N GLY B 239 5.62 -20.96 -13.35
CA GLY B 239 4.65 -20.79 -14.45
C GLY B 239 4.43 -22.03 -15.29
N PHE B 240 5.49 -22.80 -15.51
CA PHE B 240 5.41 -23.99 -16.34
C PHE B 240 4.98 -25.17 -15.50
N LYS B 241 5.46 -25.24 -14.26
CA LYS B 241 5.05 -26.28 -13.33
C LYS B 241 3.55 -26.34 -13.09
N LEU B 242 2.89 -25.20 -13.26
CA LEU B 242 1.47 -25.06 -12.91
C LEU B 242 0.56 -25.58 -14.00
N LEU B 243 1.10 -25.71 -15.21
CA LEU B 243 0.35 -26.40 -16.29
C LEU B 243 -0.01 -27.87 -15.87
N GLN B 244 0.74 -28.43 -14.92
CA GLN B 244 0.61 -29.85 -14.53
C GLN B 244 -0.48 -30.09 -13.51
N GLU B 245 -0.99 -29.03 -12.92
CA GLU B 245 -2.15 -29.12 -12.05
C GLU B 245 -3.38 -29.66 -12.78
N GLU B 246 -4.42 -29.95 -12.00
CA GLU B 246 -5.66 -30.50 -12.52
C GLU B 246 -6.36 -29.45 -13.38
N HIS B 247 -6.57 -29.82 -14.66
CA HIS B 247 -7.26 -28.99 -15.64
C HIS B 247 -6.58 -27.67 -15.99
N CYS B 248 -5.25 -27.67 -15.94
CA CYS B 248 -4.51 -26.45 -16.19
C CYS B 248 -3.66 -26.45 -17.46
N ASP B 249 -3.62 -27.56 -18.21
CA ASP B 249 -2.70 -27.59 -19.34
C ASP B 249 -3.24 -26.85 -20.56
N ILE B 250 -3.02 -25.54 -20.57
CA ILE B 250 -3.50 -24.68 -21.66
C ILE B 250 -2.77 -24.91 -23.02
N PHE B 251 -1.66 -25.64 -23.01
CA PHE B 251 -0.95 -25.91 -24.25
C PHE B 251 -1.11 -27.36 -24.66
N MET B 252 -2.09 -28.03 -24.05
CA MET B 252 -2.36 -29.43 -24.33
C MET B 252 -2.58 -29.71 -25.82
N ASN B 253 -3.23 -28.79 -26.52
CA ASN B 253 -3.59 -29.01 -27.92
C ASN B 253 -2.61 -28.47 -28.96
N LEU B 254 -1.49 -27.90 -28.52
CA LEU B 254 -0.47 -27.47 -29.46
C LEU B 254 0.34 -28.70 -29.88
N THR B 255 0.85 -28.71 -31.10
CA THR B 255 1.74 -29.79 -31.50
C THR B 255 3.03 -29.70 -30.68
N LYS B 256 3.78 -30.81 -30.63
CA LYS B 256 5.10 -30.85 -30.01
C LYS B 256 6.00 -29.72 -30.46
N LYS B 257 6.11 -29.55 -31.77
CA LYS B 257 6.95 -28.52 -32.31
C LYS B 257 6.46 -27.16 -31.80
N GLN B 258 5.15 -26.99 -31.72
CA GLN B 258 4.61 -25.76 -31.19
C GLN B 258 4.96 -25.56 -29.72
N ARG B 259 4.77 -26.59 -28.90
CA ARG B 259 5.19 -26.48 -27.50
C ARG B 259 6.68 -26.18 -27.37
N GLN B 260 7.51 -26.79 -28.21
CA GLN B 260 8.94 -26.57 -28.07
C GLN B 260 9.33 -25.14 -28.42
N THR B 261 8.72 -24.59 -29.46
CA THR B 261 9.06 -23.24 -29.86
C THR B 261 8.54 -22.25 -28.83
N LEU B 262 7.28 -22.42 -28.39
CA LEU B 262 6.72 -21.55 -27.34
C LEU B 262 7.55 -21.50 -26.05
N ARG B 263 7.98 -22.65 -25.59
CA ARG B 263 8.78 -22.74 -24.38
C ARG B 263 10.13 -22.01 -24.52
N LYS B 264 10.80 -22.17 -25.66
CA LYS B 264 12.08 -21.51 -25.93
C LYS B 264 11.88 -19.99 -25.92
N MET B 265 10.83 -19.53 -26.60
CA MET B 265 10.58 -18.09 -26.71
C MET B 265 10.24 -17.48 -25.36
N VAL B 266 9.45 -18.19 -24.56
CA VAL B 266 9.01 -17.75 -23.24
C VAL B 266 10.20 -17.64 -22.30
N ILE B 267 11.00 -18.71 -22.23
CA ILE B 267 12.24 -18.70 -21.44
C ILE B 267 13.12 -17.50 -21.82
N ASP B 268 13.36 -17.34 -23.12
CA ASP B 268 14.10 -16.20 -23.64
C ASP B 268 13.52 -14.89 -23.13
N MET B 269 12.20 -14.76 -23.19
CA MET B 269 11.58 -13.50 -22.78
C MET B 269 11.62 -13.25 -21.28
N VAL B 270 11.33 -14.26 -20.48
CA VAL B 270 11.31 -14.03 -19.06
C VAL B 270 12.71 -13.81 -18.51
N LEU B 271 13.71 -14.57 -18.98
CA LEU B 271 15.10 -14.34 -18.50
C LEU B 271 15.53 -12.92 -18.86
N ALA B 272 15.07 -12.45 -20.01
CA ALA B 272 15.28 -11.07 -20.41
C ALA B 272 14.72 -9.98 -19.46
N THR B 273 13.79 -10.32 -18.55
CA THR B 273 13.22 -9.29 -17.64
C THR B 273 14.12 -9.06 -16.42
N ASP B 274 15.20 -9.81 -16.35
CA ASP B 274 16.22 -9.61 -15.35
C ASP B 274 16.78 -8.20 -15.60
N MET B 275 16.64 -7.34 -14.60
CA MET B 275 17.05 -5.96 -14.71
C MET B 275 18.53 -5.83 -14.98
N SER B 276 19.32 -6.78 -14.48
CA SER B 276 20.78 -6.68 -14.64
C SER B 276 21.20 -6.81 -16.11
N LYS B 277 20.28 -7.27 -16.96
CA LYS B 277 20.51 -7.38 -18.40
C LYS B 277 20.02 -6.15 -19.17
N HIS B 278 19.55 -5.12 -18.45
CA HIS B 278 19.05 -3.91 -19.13
C HIS B 278 19.99 -3.30 -20.20
N MET B 279 21.21 -2.93 -19.83
CA MET B 279 22.12 -2.27 -20.75
C MET B 279 22.45 -3.08 -21.99
N SER B 280 22.67 -4.38 -21.88
CA SER B 280 22.95 -5.15 -23.09
C SER B 280 21.74 -5.35 -24.01
N LEU B 281 20.53 -5.40 -23.46
CA LEU B 281 19.34 -5.38 -24.32
C LEU B 281 19.24 -4.07 -25.12
N LEU B 282 19.58 -2.95 -24.48
CA LEU B 282 19.48 -1.63 -25.11
C LEU B 282 20.54 -1.47 -26.19
N ALA B 283 21.74 -1.98 -25.91
CA ALA B 283 22.83 -1.97 -26.85
C ALA B 283 22.43 -2.71 -28.12
N ASP B 284 21.84 -3.88 -27.95
CA ASP B 284 21.31 -4.66 -29.07
C ASP B 284 20.23 -3.92 -29.82
N LEU B 285 19.30 -3.31 -29.07
CA LEU B 285 18.19 -2.60 -29.69
C LEU B 285 18.70 -1.41 -30.52
N LYS B 286 19.80 -0.80 -30.09
CA LYS B 286 20.36 0.36 -30.78
C LYS B 286 21.07 -0.03 -32.07
N THR B 287 21.77 -1.16 -32.03
CA THR B 287 22.42 -1.68 -33.22
C THR B 287 21.39 -2.31 -34.16
N MET B 288 20.24 -2.70 -33.62
CA MET B 288 19.10 -3.10 -34.42
C MET B 288 18.52 -1.93 -35.19
N VAL B 289 18.30 -0.82 -34.49
CA VAL B 289 17.76 0.40 -35.07
C VAL B 289 18.64 0.88 -36.21
N GLU B 290 19.96 0.90 -35.98
CA GLU B 290 20.89 1.41 -36.98
C GLU B 290 21.00 0.50 -38.21
N THR B 291 20.75 -0.79 -38.06
CA THR B 291 20.78 -1.70 -39.20
C THR B 291 19.38 -2.21 -39.60
N LYS B 292 18.33 -1.41 -39.37
CA LYS B 292 16.94 -1.94 -39.53
C LYS B 292 16.51 -2.04 -40.99
N LYS B 293 15.61 -2.97 -41.28
CA LYS B 293 15.02 -3.05 -42.61
C LYS B 293 13.52 -2.88 -42.53
N VAL B 294 12.94 -2.31 -43.57
CA VAL B 294 11.51 -2.15 -43.66
C VAL B 294 11.10 -2.71 -44.99
N THR B 295 10.12 -3.60 -45.01
CA THR B 295 9.36 -3.83 -46.24
C THR B 295 8.72 -2.49 -46.48
N SER B 296 8.01 -2.32 -47.60
CA SER B 296 7.13 -1.16 -47.68
C SER B 296 5.67 -1.57 -47.43
N SER B 297 5.30 -1.44 -46.18
CA SER B 297 4.01 -0.92 -45.80
C SER B 297 4.21 -0.24 -44.45
N GLY B 298 5.47 0.15 -44.20
CA GLY B 298 5.91 0.62 -42.89
C GLY B 298 6.19 -0.50 -41.90
N VAL B 299 6.39 -1.73 -42.38
CA VAL B 299 6.50 -2.89 -41.51
C VAL B 299 7.95 -3.40 -41.45
N LEU B 300 8.45 -3.65 -40.25
CA LEU B 300 9.82 -4.14 -40.03
C LEU B 300 10.05 -5.52 -40.64
N LEU B 301 11.25 -5.74 -41.16
CA LEU B 301 11.65 -7.04 -41.74
C LEU B 301 12.45 -7.83 -40.72
N LEU B 302 11.89 -8.97 -40.29
CA LEU B 302 12.50 -9.82 -39.28
C LEU B 302 12.48 -11.29 -39.74
N ASP B 303 13.56 -11.71 -40.40
CA ASP B 303 13.62 -13.04 -41.02
C ASP B 303 13.98 -14.08 -39.98
N ASN B 304 15.20 -13.98 -39.48
CA ASN B 304 15.75 -14.98 -38.58
C ASN B 304 15.12 -14.91 -37.20
N TYR B 305 15.25 -16.01 -36.46
CA TYR B 305 14.76 -16.08 -35.09
C TYR B 305 15.39 -14.98 -34.19
N THR B 306 16.67 -14.70 -34.38
CA THR B 306 17.41 -13.78 -33.51
C THR B 306 16.83 -12.38 -33.46
N ASP B 307 16.49 -11.81 -34.61
CA ASP B 307 15.93 -10.44 -34.68
C ASP B 307 14.50 -10.44 -34.17
N ARG B 308 13.81 -11.54 -34.39
CA ARG B 308 12.46 -11.70 -33.90
C ARG B 308 12.42 -11.72 -32.36
N ILE B 309 13.26 -12.54 -31.76
CA ILE B 309 13.22 -12.72 -30.32
C ILE B 309 13.80 -11.49 -29.68
N GLN B 310 14.70 -10.83 -30.37
CA GLN B 310 15.32 -9.61 -29.87
C GLN B 310 14.30 -8.48 -29.72
N VAL B 311 13.32 -8.44 -30.61
CA VAL B 311 12.26 -7.44 -30.53
C VAL B 311 11.28 -7.85 -29.43
N LEU B 312 10.85 -9.11 -29.49
CA LEU B 312 9.92 -9.62 -28.48
C LEU B 312 10.43 -9.44 -27.05
N ARG B 313 11.73 -9.64 -26.82
CA ARG B 313 12.27 -9.48 -25.49
C ARG B 313 12.50 -8.03 -25.10
N ASN B 314 12.80 -7.15 -26.05
CA ASN B 314 12.78 -5.71 -25.73
C ASN B 314 11.37 -5.20 -25.50
N MET B 315 10.40 -5.84 -26.13
CA MET B 315 9.01 -5.40 -25.99
C MET B 315 8.48 -5.68 -24.58
N VAL B 316 8.69 -6.89 -24.08
CA VAL B 316 8.22 -7.24 -22.75
C VAL B 316 9.04 -6.49 -21.70
N HIS B 317 10.35 -6.35 -21.93
CA HIS B 317 11.20 -5.51 -21.09
C HIS B 317 10.65 -4.09 -21.02
N CYS B 318 10.27 -3.52 -22.16
CA CYS B 318 9.66 -2.18 -22.20
C CYS B 318 8.30 -2.14 -21.51
N ALA B 319 7.51 -3.20 -21.62
CA ALA B 319 6.26 -3.28 -20.89
C ALA B 319 6.53 -3.25 -19.36
N ASP B 320 7.51 -4.04 -18.93
CA ASP B 320 7.96 -4.10 -17.52
C ASP B 320 8.41 -2.73 -16.99
N LEU B 321 8.99 -1.92 -17.86
CA LEU B 321 9.42 -0.56 -17.50
C LEU B 321 8.48 0.52 -18.08
N SER B 322 7.18 0.24 -18.15
CA SER B 322 6.26 1.22 -18.73
C SER B 322 5.55 2.16 -17.72
N ASN B 323 5.68 1.90 -16.42
CA ASN B 323 4.97 2.69 -15.39
C ASN B 323 5.09 4.20 -15.58
N PRO B 324 6.32 4.71 -15.84
CA PRO B 324 6.47 6.17 -15.95
C PRO B 324 5.96 6.76 -17.24
N THR B 325 5.62 5.90 -18.21
CA THR B 325 5.08 6.35 -19.50
C THR B 325 3.57 6.42 -19.45
N LYS B 326 2.99 5.94 -18.36
CA LYS B 326 1.54 5.94 -18.19
C LYS B 326 1.10 7.27 -17.62
N SER B 327 -0.21 7.49 -17.68
CA SER B 327 -0.81 8.69 -17.13
C SER B 327 -0.43 8.85 -15.65
N LEU B 328 -0.44 10.09 -15.19
CA LEU B 328 0.14 10.45 -13.90
C LEU B 328 -0.55 9.77 -12.72
N GLU B 329 -1.90 9.72 -12.73
CA GLU B 329 -2.64 9.02 -11.66
C GLU B 329 -2.08 7.60 -11.49
N LEU B 330 -1.83 6.88 -12.60
CA LEU B 330 -1.38 5.49 -12.54
C LEU B 330 0.05 5.36 -12.04
N TYR B 331 0.93 6.19 -12.57
CA TYR B 331 2.37 6.11 -12.31
C TYR B 331 2.68 6.42 -10.87
N ARG B 332 1.95 7.38 -10.31
CA ARG B 332 2.08 7.72 -8.89
C ARG B 332 1.82 6.53 -7.99
N GLN B 333 0.76 5.79 -8.33
CA GLN B 333 0.38 4.60 -7.60
C GLN B 333 1.43 3.50 -7.69
N TRP B 334 2.06 3.37 -8.85
CA TRP B 334 3.09 2.37 -9.05
C TRP B 334 4.36 2.73 -8.31
N THR B 335 4.74 4.00 -8.35
CA THR B 335 5.91 4.50 -7.63
C THR B 335 5.74 4.25 -6.15
N ASP B 336 4.56 4.53 -5.64
CA ASP B 336 4.37 4.41 -4.20
C ASP B 336 4.45 2.95 -3.78
N ARG B 337 4.02 2.08 -4.66
CA ARG B 337 4.07 0.65 -4.41
C ARG B 337 5.49 0.09 -4.43
N ILE B 338 6.25 0.45 -5.48
CA ILE B 338 7.61 -0.03 -5.63
C ILE B 338 8.47 0.52 -4.49
N MET B 339 8.23 1.77 -4.09
CA MET B 339 8.96 2.35 -2.95
C MET B 339 8.66 1.63 -1.63
N GLU B 340 7.38 1.30 -1.40
CA GLU B 340 7.02 0.44 -0.26
C GLU B 340 7.78 -0.88 -0.28
N GLU B 341 7.92 -1.50 -1.45
CA GLU B 341 8.57 -2.81 -1.53
C GLU B 341 10.07 -2.74 -1.28
N PHE B 342 10.72 -1.73 -1.84
CA PHE B 342 12.12 -1.45 -1.51
C PHE B 342 12.27 -1.18 -0.02
N PHE B 343 11.37 -0.38 0.56
CA PHE B 343 11.53 -0.01 1.99
C PHE B 343 11.43 -1.22 2.92
N GLN B 344 10.52 -2.12 2.58
CA GLN B 344 10.36 -3.34 3.35
C GLN B 344 11.60 -4.18 3.22
N GLN B 345 12.18 -4.29 2.03
CA GLN B 345 13.40 -5.03 1.88
C GLN B 345 14.48 -4.43 2.76
N GLY B 346 14.58 -3.11 2.77
CA GLY B 346 15.54 -2.40 3.61
C GLY B 346 15.40 -2.74 5.07
N ASP B 347 14.16 -2.92 5.54
CA ASP B 347 13.92 -3.23 6.96
C ASP B 347 14.32 -4.67 7.29
N LYS B 348 14.06 -5.57 6.35
CA LYS B 348 14.52 -6.94 6.48
C LYS B 348 16.06 -6.96 6.54
N GLU B 349 16.71 -6.14 5.73
CA GLU B 349 18.17 -6.00 5.77
C GLU B 349 18.68 -5.45 7.12
N ARG B 350 17.98 -4.46 7.67
CA ARG B 350 18.30 -3.89 8.98
C ARG B 350 18.00 -4.88 10.10
N GLU B 351 16.89 -5.62 10.00
CA GLU B 351 16.57 -6.66 10.97
C GLU B 351 17.69 -7.70 11.02
N ARG B 352 18.47 -7.79 9.93
CA ARG B 352 19.53 -8.76 9.83
C ARG B 352 20.92 -8.20 10.12
N GLY B 353 21.00 -6.90 10.38
CA GLY B 353 22.27 -6.23 10.57
C GLY B 353 23.11 -6.10 9.31
N MET B 354 22.47 -6.12 8.14
CA MET B 354 23.19 -5.90 6.88
C MET B 354 23.15 -4.42 6.57
N GLU B 355 23.99 -3.97 5.65
CA GLU B 355 23.89 -2.58 5.21
C GLU B 355 22.75 -2.46 4.24
N ILE B 356 22.04 -1.35 4.33
CA ILE B 356 20.79 -1.17 3.62
C ILE B 356 21.10 -0.84 2.14
N SER B 357 20.58 -1.67 1.23
CA SER B 357 20.82 -1.50 -0.21
C SER B 357 20.32 -0.15 -0.66
N PRO B 358 20.82 0.37 -1.79
CA PRO B 358 20.40 1.68 -2.24
C PRO B 358 18.91 1.71 -2.58
N MET B 359 18.24 2.82 -2.26
CA MET B 359 16.78 3.01 -2.39
C MET B 359 15.89 2.25 -1.39
N CYS B 360 16.47 1.53 -0.45
CA CYS B 360 15.69 0.72 0.48
C CYS B 360 15.65 1.32 1.86
N ASP B 361 16.36 2.41 2.08
CA ASP B 361 16.32 3.08 3.35
C ASP B 361 15.19 4.10 3.41
N LYS B 362 14.14 3.80 4.16
CA LYS B 362 13.00 4.71 4.27
C LYS B 362 13.34 6.09 4.87
N HIS B 363 14.37 6.13 5.71
CA HIS B 363 14.78 7.40 6.31
C HIS B 363 15.70 8.27 5.42
N THR B 364 16.20 7.75 4.30
CA THR B 364 17.09 8.54 3.41
C THR B 364 16.72 8.49 1.90
N ALA B 365 15.48 8.16 1.58
CA ALA B 365 14.95 8.30 0.22
C ALA B 365 14.79 9.74 -0.22
N SER B 366 14.85 9.94 -1.54
CA SER B 366 14.36 11.14 -2.17
C SER B 366 13.64 10.68 -3.44
N VAL B 367 12.39 10.30 -3.22
CA VAL B 367 11.61 9.62 -4.21
C VAL B 367 11.52 10.39 -5.50
N GLU B 368 11.33 11.70 -5.40
CA GLU B 368 11.13 12.60 -6.57
C GLU B 368 12.40 12.68 -7.42
N LYS B 369 13.51 13.00 -6.78
CA LYS B 369 14.78 13.03 -7.48
C LYS B 369 15.08 11.68 -8.10
N SER B 370 14.77 10.60 -7.38
CA SER B 370 15.04 9.24 -7.83
C SER B 370 14.24 8.89 -9.08
N GLN B 371 13.02 9.34 -9.15
CA GLN B 371 12.20 9.10 -10.35
C GLN B 371 12.76 9.85 -11.57
N VAL B 372 13.19 11.09 -11.35
CA VAL B 372 13.78 11.86 -12.43
C VAL B 372 15.05 11.18 -12.94
N GLY B 373 15.86 10.64 -12.04
CA GLY B 373 17.06 9.91 -12.46
C GLY B 373 16.72 8.64 -13.21
N PHE B 374 15.67 7.99 -12.74
CA PHE B 374 15.21 6.74 -13.32
C PHE B 374 14.80 6.98 -14.78
N ILE B 375 14.18 8.12 -15.03
CA ILE B 375 13.64 8.42 -16.34
C ILE B 375 14.76 8.86 -17.28
N ASP B 376 15.61 9.77 -16.80
CA ASP B 376 16.66 10.31 -17.61
C ASP B 376 17.67 9.21 -18.03
N TYR B 377 17.99 8.31 -17.13
CA TYR B 377 19.09 7.38 -17.36
C TYR B 377 18.68 5.99 -17.77
N ILE B 378 17.41 5.65 -17.63
CA ILE B 378 16.97 4.30 -17.90
C ILE B 378 15.69 4.24 -18.71
N VAL B 379 14.62 4.89 -18.25
CA VAL B 379 13.33 4.75 -18.94
C VAL B 379 13.31 5.51 -20.29
N HIS B 380 13.82 6.73 -20.28
CA HIS B 380 13.75 7.57 -21.47
C HIS B 380 14.66 7.00 -22.57
N PRO B 381 15.94 6.70 -22.22
CA PRO B 381 16.80 6.17 -23.26
C PRO B 381 16.20 4.95 -23.93
N LEU B 382 15.74 3.98 -23.15
CA LEU B 382 15.08 2.78 -23.70
C LEU B 382 13.90 3.11 -24.64
N TRP B 383 13.02 4.01 -24.21
CA TRP B 383 11.79 4.28 -24.96
C TRP B 383 12.05 5.09 -26.20
N GLU B 384 13.06 5.94 -26.13
CA GLU B 384 13.53 6.73 -27.27
C GLU B 384 14.08 5.80 -28.33
N THR B 385 14.85 4.79 -27.93
CA THR B 385 15.32 3.77 -28.84
C THR B 385 14.16 2.94 -29.39
N TRP B 386 13.17 2.63 -28.56
CA TRP B 386 12.00 1.89 -29.01
C TRP B 386 11.18 2.69 -30.06
N ALA B 387 10.99 3.97 -29.76
CA ALA B 387 10.28 4.91 -30.63
C ALA B 387 10.93 5.00 -32.02
N ASP B 388 12.26 4.96 -32.04
CA ASP B 388 12.99 4.89 -33.29
C ASP B 388 12.75 3.60 -34.06
N LEU B 389 12.76 2.47 -33.37
CA LEU B 389 12.55 1.23 -34.05
C LEU B 389 11.17 1.20 -34.70
N VAL B 390 10.16 1.71 -34.01
CA VAL B 390 8.75 1.55 -34.42
C VAL B 390 8.08 2.85 -34.89
N GLN B 391 8.85 3.93 -34.98
CA GLN B 391 8.29 5.20 -35.43
C GLN B 391 7.39 5.04 -36.66
N PRO B 392 6.30 5.82 -36.72
CA PRO B 392 6.02 6.94 -35.82
C PRO B 392 5.32 6.60 -34.49
N ASP B 393 5.21 5.32 -34.13
CA ASP B 393 4.30 4.89 -33.06
C ASP B 393 4.50 5.49 -31.64
N ALA B 394 5.63 5.30 -30.98
CA ALA B 394 5.63 5.53 -29.52
C ALA B 394 5.72 7.01 -29.11
N GLN B 395 5.23 7.91 -29.95
CA GLN B 395 5.55 9.33 -29.81
C GLN B 395 4.81 10.03 -28.67
N ASP B 396 3.55 9.66 -28.42
CA ASP B 396 2.79 10.17 -27.26
C ASP B 396 3.13 9.49 -25.93
N ILE B 397 3.39 8.17 -26.01
CA ILE B 397 3.99 7.43 -24.92
C ILE B 397 5.16 8.26 -24.42
N LEU B 398 6.00 8.70 -25.36
CA LEU B 398 7.22 9.46 -25.04
C LEU B 398 6.97 10.88 -24.52
N ASP B 399 5.97 11.57 -25.06
CA ASP B 399 5.58 12.89 -24.53
C ASP B 399 5.01 12.78 -23.10
N THR B 400 4.28 11.71 -22.83
CA THR B 400 3.73 11.52 -21.49
C THR B 400 4.86 11.35 -20.47
N LEU B 401 5.89 10.63 -20.89
CA LEU B 401 7.10 10.46 -20.10
C LEU B 401 7.72 11.79 -19.73
N GLU B 402 7.84 12.70 -20.71
CA GLU B 402 8.33 14.07 -20.44
C GLU B 402 7.43 14.80 -19.43
N ASP B 403 6.12 14.80 -19.67
CA ASP B 403 5.17 15.40 -18.71
C ASP B 403 5.35 14.85 -17.29
N ASN B 404 5.36 13.52 -17.17
CA ASN B 404 5.50 12.85 -15.88
C ASN B 404 6.82 13.24 -15.21
N ARG B 405 7.89 13.17 -15.98
CA ARG B 405 9.21 13.56 -15.52
C ARG B 405 9.17 14.98 -14.97
N ASN B 406 8.61 15.91 -15.72
CA ASN B 406 8.62 17.32 -15.33
C ASN B 406 7.75 17.59 -14.11
N TRP B 407 6.64 16.86 -13.99
CA TRP B 407 5.83 16.93 -12.79
C TRP B 407 6.64 16.48 -11.58
N TYR B 408 7.33 15.35 -11.67
CA TYR B 408 8.20 14.90 -10.56
C TYR B 408 9.32 15.91 -10.25
N GLN B 409 9.83 16.60 -11.27
CA GLN B 409 10.83 17.67 -11.05
C GLN B 409 10.21 18.88 -10.38
N SER B 410 9.00 19.24 -10.82
CA SER B 410 8.28 20.33 -10.18
C SER B 410 7.97 20.04 -8.70
N MET B 411 7.98 18.77 -8.30
CA MET B 411 7.78 18.41 -6.90
C MET B 411 9.08 18.24 -6.13
N ILE B 412 10.23 18.37 -6.77
CA ILE B 412 11.49 18.27 -6.03
C ILE B 412 11.56 19.47 -5.09
N PRO B 413 11.89 19.22 -3.82
CA PRO B 413 11.80 20.27 -2.80
C PRO B 413 12.98 21.24 -2.80
N GLN B 414 12.74 22.47 -2.35
CA GLN B 414 13.80 23.48 -2.09
C GLN B 414 14.25 24.16 -3.39
ZN ZN C . -5.62 2.59 16.24
MG MG D . -5.84 -0.57 18.08
C1 988 E . -10.95 3.07 8.82
C2 988 E . -11.55 1.96 9.38
C3 988 E . -12.39 1.11 8.52
N4 988 E . -12.58 1.43 7.22
C5 988 E . -11.99 2.52 6.70
C6 988 E . -11.17 3.36 7.47
C13 988 E . -11.36 1.63 10.71
C15 988 E . -11.96 0.49 11.27
C17 988 E . -12.77 -0.35 10.49
C19 988 E . -12.99 -0.09 9.14
C22 988 E . -13.85 -0.95 8.31
C24 988 E . -15.12 -1.23 8.78
C25 988 E . -15.99 -2.02 8.05
C26 988 E . -15.59 -2.51 6.82
C27 988 E . -14.32 -2.23 6.34
C28 988 E . -13.45 -1.44 7.09
C35 988 E . -11.73 0.21 12.73
C37 988 E . -10.99 -1.07 12.95
C39 988 E . -9.60 -1.12 12.82
C40 988 E . -8.95 -2.34 13.00
N41 988 E . -9.62 -3.45 13.33
C42 988 E . -10.95 -3.42 13.49
C43 988 E . -11.67 -2.23 13.31
N50 988 E . -17.27 -2.32 8.54
O52 988 E . -17.64 -1.89 9.64
O54 988 E . -18.13 -3.10 7.76
ZN ZN F . 8.00 -7.25 -13.69
MG MG G . 10.94 -9.16 -12.47
C1 988 H . 8.48 1.68 -11.43
C2 988 H . 9.81 1.38 -11.22
C3 988 H . 10.62 2.31 -10.40
N4 988 H . 10.06 3.44 -9.91
C5 988 H . 8.77 3.71 -10.14
C6 988 H . 7.95 2.85 -10.90
C13 988 H . 10.41 0.23 -11.72
C15 988 H . 11.76 -0.07 -11.47
C17 988 H . 12.57 0.78 -10.70
C19 988 H . 12.03 1.93 -10.16
C22 988 H . 12.85 2.85 -9.37
C24 988 H . 14.00 3.31 -9.94
C25 988 H . 14.80 4.20 -9.24
C26 988 H . 14.44 4.64 -7.99
C27 988 H . 13.26 4.18 -7.42
C28 988 H . 12.46 3.28 -8.11
C35 988 H . 12.34 -1.33 -12.07
C37 988 H . 12.69 -2.35 -11.03
C39 988 H . 11.70 -3.11 -10.42
C40 988 H . 12.06 -4.04 -9.46
N41 988 H . 13.35 -4.22 -9.13
C42 988 H . 14.32 -3.53 -9.72
C43 988 H . 14.02 -2.57 -10.69
N50 988 H . 15.98 4.63 -9.83
O52 988 H . 16.56 3.92 -10.66
O54 988 H . 16.46 5.89 -9.47
#